data_8IOY
#
_entry.id   8IOY
#
_cell.length_a   1.00
_cell.length_b   1.00
_cell.length_c   1.00
_cell.angle_alpha   90.00
_cell.angle_beta   90.00
_cell.angle_gamma   90.00
#
_symmetry.space_group_name_H-M   'P 1'
#
loop_
_entity.id
_entity.type
_entity.pdbx_description
1 polymer 'Copper-transporting ATPase 2'
2 non-polymer 'PHOSPHOAMINOPHOSPHONIC ACID-ADENYLATE ESTER'
#
_entity_poly.entity_id   1
_entity_poly.type   'polypeptide(L)'
_entity_poly.pdbx_seq_one_letter_code
;MPEQERQITAREGASRKILSKLSLPTRAWEPAMKKSFAFDNVGYEGGLDGLGPSSQVATSTVRILGMTCQSCVKSIEDRI
SNLKGIISMKVSLEQGSATVKYVPSVVCLQQVCHQIGDMGFEASIAEGKAASWPSRSLPAQEAVVKLRVEGMTCQSCVSS
IEGKVRKLQGVVRVKVSLSNQEAVITYQPYLIQPEDLRDHVNDMGFEAAIKSKVAPLSLGPIDIERLQSTNPKRPLSSAN
QNFNNSETLGHQGSHVVTLQLRIDGMHCKSCVLNIEENIGQLLGVQSIQVSLENKTAQVKYDPSCTSPVALQRAIEALPP
GNFKVSLPDGAEGSGTDHRSSSSHSPGSPPRNQVQGTCSTTLIAIAGMTCASCVHSIEGMISQLEGVQQISVSLAEGTAT
VLYNPSVISPEELRAAIEDMGFEASVVSESCSTNPLGNHSAGNSMVQTTDGTPTSVQEVAPHTGRLPANHAPDILAKSPQ
STRAVAPQKCFLQIKGMTCASCVSNIERNLQKEAGVLSVLVALMAGKAEIKYDPEVIQPLEIAQFIQDLGFEAAVMEDYA
GSDGNIELTITGMTCASCVHNIESKLTRTNGITYASVALATSKALVKFDPEIIGPRDIIKIIEEIGFHASLAQRNPNAHH
LDHKMEIKQWKKSFLCSLVFGIPVMALMIYMLIPSNEPHQSMVLDHNIIPGLSILNLIFFILCTFVQLLGGWYFYVQAYK
SLRHRSANMDVLIVLATSIAYVYSLVILVVAVAEKAERSPVTFFDTPPMLFVFIALGRWLEHLAKSKTSEALAKLMSLQA
TEATVVTLGEDNLIIREEQVPMELVQRGDIVKVVPGGKFPVDGKVLEGNTMADESLITGEAMPVTKKPGSTVIAGSINAH
GSVLIKATHVGNDTTLAQIVKLVEEAQMSKAPIQQLADRFSGYFVPFIIIMSTLTLVVWIVIGFIDFGVVQRYFPNPNKH
ISQTEVIIRFAFQTSITVLCIASPSSLGLATPTAVMVGTGVAAQNGILIKGGKPLEMAHKIKTVMFAKTGTITHGVPRVM
RVLLLGDVATLPLRKVLAVVGTAEASSEHPLGVAVTKYCKEELGTETLGYCTDFQAVPGCGIGCKVSNVEGILAHSERPL
SAPASHLNEAGSLPAEKDAVPQTFSVLIGNREWLRRNGLTISSDVSDAMTDHEMKGQTAILVAIDGVLCGMIAIADAVKQ
EAALAVHTLQSMGVDVVLITGDNRKTARAIATQVGINKVFAEVLPSHKVAKVQELQNKGKKVAMVGDGVNDSPALAQADM
GVAIGTGTDVAIEAADVVLIRNDLLDVVASIHLSKRTVRRIRINLVLALIYNLVGIPIAAGVFMPIGIVLQPWMGSAAMA
ASSVSVVLSSLQLKCYKKPDLERYEAQAHGHMKPLTASQVSVHIGMDDRWRDSPRATPWDQVSYVSQVSLSSLTSDKPSR
HSAAADDDGDKWSLLLNGRDEEQYIVDELTSRGRDYKDDDDKWSHPQFEKGGGGSGGSAWSHPQFEK
;
_entity_poly.pdbx_strand_id   A
#
loop_
_chem_comp.id
_chem_comp.type
_chem_comp.name
_chem_comp.formula
ANP non-polymer 'PHOSPHOAMINOPHOSPHONIC ACID-ADENYLATE ESTER' 'C10 H17 N6 O12 P3'
#
# COMPACT_ATOMS: atom_id res chain seq x y z
N SER A 562 -3.24 -19.07 12.82
CA SER A 562 -3.65 -20.33 13.41
C SER A 562 -5.08 -20.67 13.02
N ASP A 563 -5.50 -20.21 11.83
CA ASP A 563 -6.84 -20.47 11.33
C ASP A 563 -6.84 -20.84 9.84
N GLY A 564 -5.67 -21.19 9.30
CA GLY A 564 -5.59 -21.65 7.93
C GLY A 564 -5.96 -20.62 6.89
N ASN A 565 -5.58 -19.36 7.10
CA ASN A 565 -5.80 -18.34 6.08
C ASN A 565 -4.96 -18.65 4.84
N ILE A 566 -5.51 -18.34 3.68
CA ILE A 566 -4.87 -18.67 2.41
C ILE A 566 -4.85 -17.44 1.51
N GLU A 567 -3.78 -17.32 0.73
CA GLU A 567 -3.69 -16.35 -0.35
C GLU A 567 -3.94 -17.08 -1.65
N LEU A 568 -5.00 -16.68 -2.35
CA LEU A 568 -5.45 -17.37 -3.55
C LEU A 568 -5.23 -16.49 -4.78
N THR A 569 -4.85 -17.13 -5.88
CA THR A 569 -4.65 -16.44 -7.15
C THR A 569 -5.88 -16.65 -8.02
N ILE A 570 -6.38 -15.57 -8.60
CA ILE A 570 -7.59 -15.59 -9.42
C ILE A 570 -7.26 -15.00 -10.78
N THR A 571 -7.83 -15.59 -11.83
CA THR A 571 -7.67 -15.12 -13.19
C THR A 571 -9.04 -14.83 -13.80
N GLY A 572 -9.04 -13.97 -14.81
CA GLY A 572 -10.27 -13.53 -15.42
C GLY A 572 -10.89 -12.29 -14.81
N MET A 573 -10.36 -11.80 -13.68
CA MET A 573 -10.84 -10.56 -13.10
C MET A 573 -10.64 -9.41 -14.08
N THR A 574 -11.74 -8.77 -14.46
CA THR A 574 -11.68 -7.59 -15.30
C THR A 574 -12.58 -6.45 -14.84
N CYS A 575 -13.59 -6.71 -14.02
CA CYS A 575 -14.53 -5.69 -13.58
C CYS A 575 -14.64 -5.69 -12.06
N ALA A 576 -14.94 -4.50 -11.51
CA ALA A 576 -15.14 -4.38 -10.07
C ALA A 576 -16.38 -5.11 -9.59
N SER A 577 -17.46 -5.09 -10.38
CA SER A 577 -18.65 -5.84 -9.99
C SER A 577 -18.34 -7.32 -9.82
N CYS A 578 -17.41 -7.84 -10.61
CA CYS A 578 -17.03 -9.25 -10.47
C CYS A 578 -16.46 -9.51 -9.08
N VAL A 579 -15.49 -8.71 -8.65
CA VAL A 579 -14.89 -8.94 -7.33
C VAL A 579 -15.92 -8.71 -6.24
N HIS A 580 -16.80 -7.73 -6.42
CA HIS A 580 -17.87 -7.52 -5.45
C HIS A 580 -18.73 -8.76 -5.32
N ASN A 581 -19.08 -9.38 -6.45
CA ASN A 581 -19.78 -10.66 -6.42
C ASN A 581 -18.98 -11.70 -5.65
N ILE A 582 -17.66 -11.74 -5.89
CA ILE A 582 -16.83 -12.73 -5.21
C ILE A 582 -16.95 -12.58 -3.70
N GLU A 583 -16.72 -11.38 -3.19
CA GLU A 583 -16.83 -11.20 -1.74
C GLU A 583 -18.24 -11.49 -1.25
N SER A 584 -19.25 -10.99 -1.98
CA SER A 584 -20.63 -11.15 -1.52
C SER A 584 -20.97 -12.62 -1.34
N LYS A 585 -20.73 -13.44 -2.36
CA LYS A 585 -21.16 -14.84 -2.25
C LYS A 585 -20.22 -15.65 -1.37
N LEU A 586 -18.91 -15.41 -1.41
CA LEU A 586 -18.02 -16.16 -0.54
C LEU A 586 -18.29 -15.85 0.93
N THR A 587 -18.80 -14.66 1.23
CA THR A 587 -19.31 -14.40 2.57
C THR A 587 -20.68 -15.05 2.77
N ARG A 588 -21.47 -15.14 1.70
CA ARG A 588 -22.75 -15.85 1.78
C ARG A 588 -22.55 -17.32 2.15
N THR A 589 -21.55 -17.96 1.54
CA THR A 589 -21.26 -19.35 1.85
C THR A 589 -20.79 -19.49 3.29
N ASN A 590 -21.24 -20.55 3.95
CA ASN A 590 -20.89 -20.78 5.34
C ASN A 590 -19.43 -21.18 5.47
N GLY A 591 -18.90 -20.99 6.68
CA GLY A 591 -17.53 -21.36 6.99
C GLY A 591 -16.49 -20.33 6.60
N ILE A 592 -16.88 -19.23 5.97
CA ILE A 592 -15.96 -18.16 5.59
C ILE A 592 -16.25 -16.96 6.46
N THR A 593 -15.23 -16.49 7.18
CA THR A 593 -15.37 -15.32 8.05
C THR A 593 -14.86 -14.04 7.41
N TYR A 594 -13.82 -14.11 6.59
CA TYR A 594 -13.28 -12.95 5.91
C TYR A 594 -12.97 -13.31 4.47
N ALA A 595 -13.42 -12.46 3.55
CA ALA A 595 -13.18 -12.69 2.13
C ALA A 595 -12.95 -11.35 1.45
N SER A 596 -11.73 -11.15 0.93
CA SER A 596 -11.37 -9.94 0.21
C SER A 596 -10.68 -10.31 -1.09
N VAL A 597 -10.94 -9.53 -2.14
CA VAL A 597 -10.36 -9.75 -3.45
C VAL A 597 -9.88 -8.41 -3.99
N ALA A 598 -8.70 -8.42 -4.61
CA ALA A 598 -8.12 -7.24 -5.24
C ALA A 598 -8.18 -7.43 -6.75
N LEU A 599 -8.89 -6.53 -7.43
CA LEU A 599 -8.99 -6.63 -8.89
C LEU A 599 -7.68 -6.29 -9.56
N ALA A 600 -7.01 -5.22 -9.09
CA ALA A 600 -5.79 -4.77 -9.77
C ALA A 600 -4.70 -5.83 -9.72
N THR A 601 -4.51 -6.47 -8.56
CA THR A 601 -3.45 -7.45 -8.40
C THR A 601 -3.86 -8.85 -8.83
N SER A 602 -5.14 -9.09 -9.13
CA SER A 602 -5.62 -10.40 -9.55
C SER A 602 -5.27 -11.46 -8.51
N LYS A 603 -5.79 -11.27 -7.31
CA LYS A 603 -5.55 -12.19 -6.20
C LYS A 603 -6.71 -12.09 -5.23
N ALA A 604 -6.79 -13.09 -4.35
CA ALA A 604 -7.86 -13.14 -3.35
C ALA A 604 -7.32 -13.80 -2.09
N LEU A 605 -7.63 -13.21 -0.94
CA LEU A 605 -7.21 -13.73 0.36
C LEU A 605 -8.45 -13.99 1.20
N VAL A 606 -8.52 -15.16 1.82
CA VAL A 606 -9.68 -15.56 2.61
C VAL A 606 -9.20 -16.29 3.85
N LYS A 607 -9.84 -16.00 4.98
CA LYS A 607 -9.64 -16.74 6.22
C LYS A 607 -10.86 -17.63 6.44
N PHE A 608 -10.62 -18.93 6.60
CA PHE A 608 -11.70 -19.91 6.64
C PHE A 608 -11.45 -20.91 7.77
N ASP A 609 -12.53 -21.56 8.17
CA ASP A 609 -12.46 -22.61 9.18
C ASP A 609 -11.86 -23.87 8.53
N PRO A 610 -10.72 -24.38 9.00
CA PRO A 610 -10.02 -25.43 8.25
C PRO A 610 -10.75 -26.77 8.22
N GLU A 611 -11.13 -27.29 9.39
CA GLU A 611 -11.57 -28.68 9.45
C GLU A 611 -12.85 -28.91 8.65
N ILE A 612 -13.81 -28.00 8.74
CA ILE A 612 -15.10 -28.22 8.08
C ILE A 612 -14.95 -28.10 6.57
N ILE A 613 -14.15 -27.14 6.10
CA ILE A 613 -14.02 -26.86 4.67
C ILE A 613 -12.56 -26.71 4.31
N GLY A 614 -12.19 -27.22 3.14
CA GLY A 614 -10.84 -27.12 2.64
C GLY A 614 -10.75 -26.18 1.44
N PRO A 615 -9.53 -25.84 1.03
CA PRO A 615 -9.37 -24.90 -0.08
C PRO A 615 -10.01 -25.39 -1.38
N ARG A 616 -10.11 -26.70 -1.58
CA ARG A 616 -10.79 -27.22 -2.74
C ARG A 616 -12.21 -26.67 -2.83
N ASP A 617 -12.91 -26.62 -1.70
CA ASP A 617 -14.30 -26.15 -1.71
C ASP A 617 -14.39 -24.68 -2.09
N ILE A 618 -13.52 -23.84 -1.52
CA ILE A 618 -13.54 -22.42 -1.83
C ILE A 618 -13.21 -22.20 -3.31
N ILE A 619 -12.20 -22.90 -3.80
CA ILE A 619 -11.86 -22.77 -5.21
C ILE A 619 -13.04 -23.17 -6.07
N LYS A 620 -13.65 -24.32 -5.77
CA LYS A 620 -14.78 -24.78 -6.57
C LYS A 620 -15.92 -23.78 -6.54
N ILE A 621 -16.13 -23.13 -5.39
CA ILE A 621 -17.07 -22.02 -5.34
C ILE A 621 -16.68 -20.95 -6.36
N ILE A 622 -15.37 -20.68 -6.45
CA ILE A 622 -14.92 -19.64 -7.37
C ILE A 622 -15.20 -20.04 -8.82
N GLU A 623 -14.91 -21.29 -9.20
CA GLU A 623 -15.21 -21.67 -10.58
C GLU A 623 -16.71 -21.67 -10.85
N GLU A 624 -17.53 -22.13 -9.91
CA GLU A 624 -18.96 -22.05 -10.15
C GLU A 624 -19.43 -20.61 -10.22
N ILE A 625 -18.67 -19.67 -9.69
CA ILE A 625 -18.89 -18.27 -10.04
C ILE A 625 -18.64 -18.07 -11.53
N GLY A 626 -17.57 -18.67 -12.05
CA GLY A 626 -17.22 -18.55 -13.45
C GLY A 626 -15.84 -17.99 -13.68
N PHE A 627 -14.95 -18.19 -12.71
CA PHE A 627 -13.57 -17.72 -12.81
C PHE A 627 -12.61 -18.83 -12.40
N HIS A 628 -11.39 -18.74 -12.92
CA HIS A 628 -10.37 -19.77 -12.72
C HIS A 628 -9.42 -19.31 -11.62
N ALA A 629 -9.35 -20.06 -10.54
CA ALA A 629 -8.51 -19.73 -9.39
C ALA A 629 -7.54 -20.88 -9.11
N SER A 630 -6.65 -20.63 -8.15
CA SER A 630 -5.66 -21.62 -7.74
C SER A 630 -4.88 -21.03 -6.58
N LEU A 631 -4.25 -21.92 -5.80
CA LEU A 631 -3.39 -21.47 -4.73
C LEU A 631 -2.24 -20.65 -5.30
N ALA A 632 -2.01 -19.48 -4.71
CA ALA A 632 -0.95 -18.61 -5.19
C ALA A 632 0.41 -19.27 -4.99
N GLN A 633 1.25 -19.22 -6.01
CA GLN A 633 2.57 -19.80 -5.93
C GLN A 633 3.45 -18.88 -5.08
N ARG A 634 4.75 -19.20 -4.98
CA ARG A 634 5.65 -18.47 -4.11
C ARG A 634 6.57 -17.54 -4.90
N ASN A 635 7.38 -18.09 -5.81
CA ASN A 635 8.25 -17.27 -6.66
C ASN A 635 7.51 -16.75 -7.89
N PRO A 636 6.82 -17.61 -8.65
CA PRO A 636 6.27 -17.15 -9.95
C PRO A 636 5.07 -16.25 -9.81
N ASN A 637 5.27 -14.94 -10.04
CA ASN A 637 4.18 -13.99 -10.09
C ASN A 637 4.41 -12.93 -11.18
N ALA A 638 5.08 -13.32 -12.26
CA ALA A 638 5.52 -12.34 -13.25
C ALA A 638 4.38 -11.92 -14.18
N HIS A 639 3.84 -12.87 -14.94
CA HIS A 639 2.84 -12.54 -15.96
C HIS A 639 1.52 -12.07 -15.38
N HIS A 640 1.30 -12.26 -14.08
CA HIS A 640 0.03 -11.82 -13.47
C HIS A 640 0.01 -10.31 -13.29
N LEU A 641 1.15 -9.71 -12.90
CA LEU A 641 1.20 -8.29 -12.62
C LEU A 641 1.72 -7.44 -13.78
N ASP A 642 2.33 -8.06 -14.78
CA ASP A 642 2.93 -7.29 -15.86
C ASP A 642 1.88 -6.69 -16.78
N HIS A 643 0.70 -7.29 -16.86
CA HIS A 643 -0.41 -6.81 -17.68
C HIS A 643 -0.10 -6.81 -19.17
N LYS A 644 1.04 -7.38 -19.59
CA LYS A 644 1.44 -7.27 -20.98
C LYS A 644 0.43 -7.92 -21.91
N MET A 645 -0.07 -9.10 -21.55
CA MET A 645 -0.91 -9.85 -22.48
C MET A 645 -2.20 -9.12 -22.81
N GLU A 646 -2.87 -8.56 -21.79
CA GLU A 646 -4.16 -7.94 -22.06
C GLU A 646 -3.99 -6.60 -22.77
N ILE A 647 -2.92 -5.86 -22.45
CA ILE A 647 -2.68 -4.63 -23.21
C ILE A 647 -2.35 -4.95 -24.65
N LYS A 648 -1.64 -6.07 -24.89
CA LYS A 648 -1.33 -6.45 -26.27
C LYS A 648 -2.60 -6.85 -27.02
N GLN A 649 -3.47 -7.65 -26.42
CA GLN A 649 -4.69 -7.99 -27.12
C GLN A 649 -5.62 -6.79 -27.26
N TRP A 650 -5.49 -5.80 -26.38
CA TRP A 650 -6.24 -4.57 -26.57
C TRP A 650 -5.67 -3.75 -27.71
N LYS A 651 -4.34 -3.74 -27.87
CA LYS A 651 -3.75 -3.20 -29.08
C LYS A 651 -4.37 -3.84 -30.31
N LYS A 652 -4.40 -5.18 -30.31
CA LYS A 652 -4.96 -5.91 -31.45
C LYS A 652 -6.40 -5.49 -31.72
N SER A 653 -7.24 -5.51 -30.68
CA SER A 653 -8.66 -5.19 -30.86
C SER A 653 -8.85 -3.74 -31.29
N PHE A 654 -8.08 -2.82 -30.70
CA PHE A 654 -8.21 -1.41 -31.04
C PHE A 654 -7.81 -1.16 -32.49
N LEU A 655 -6.75 -1.80 -32.96
CA LEU A 655 -6.36 -1.64 -34.35
C LEU A 655 -7.39 -2.27 -35.29
N CYS A 656 -7.91 -3.44 -34.92
CA CYS A 656 -8.95 -4.08 -35.73
C CYS A 656 -10.19 -3.20 -35.80
N SER A 657 -10.46 -2.43 -34.75
CA SER A 657 -11.57 -1.48 -34.79
C SER A 657 -11.22 -0.24 -35.59
N LEU A 658 -9.96 0.20 -35.55
CA LEU A 658 -9.55 1.38 -36.29
C LEU A 658 -9.63 1.17 -37.79
N VAL A 659 -9.24 -0.03 -38.25
CA VAL A 659 -9.29 -0.32 -39.67
C VAL A 659 -10.69 -0.23 -40.25
N PHE A 660 -11.71 -0.18 -39.39
CA PHE A 660 -13.09 0.10 -39.82
C PHE A 660 -13.56 1.48 -39.43
N GLY A 661 -13.04 2.04 -38.34
CA GLY A 661 -13.40 3.40 -37.97
C GLY A 661 -12.93 4.42 -38.98
N ILE A 662 -11.78 4.19 -39.62
CA ILE A 662 -11.28 5.12 -40.62
C ILE A 662 -12.32 5.38 -41.70
N PRO A 663 -12.97 4.38 -42.30
CA PRO A 663 -14.10 4.68 -43.18
C PRO A 663 -15.19 5.48 -42.50
N VAL A 664 -15.46 5.20 -41.22
CA VAL A 664 -16.48 5.97 -40.51
C VAL A 664 -16.05 7.42 -40.38
N MET A 665 -14.79 7.66 -40.01
CA MET A 665 -14.27 9.02 -39.98
C MET A 665 -14.47 9.70 -41.33
N ALA A 666 -14.09 9.03 -42.41
CA ALA A 666 -14.14 9.65 -43.73
C ALA A 666 -15.57 10.00 -44.11
N LEU A 667 -16.50 9.05 -43.98
CA LEU A 667 -17.89 9.32 -44.33
C LEU A 667 -18.49 10.40 -43.43
N MET A 668 -18.12 10.41 -42.16
CA MET A 668 -18.64 11.43 -41.26
C MET A 668 -18.21 12.82 -41.70
N ILE A 669 -16.90 12.99 -41.96
CA ILE A 669 -16.43 14.31 -42.38
C ILE A 669 -17.03 14.67 -43.73
N TYR A 670 -17.21 13.70 -44.62
CA TYR A 670 -17.81 13.99 -45.92
C TYR A 670 -19.23 14.52 -45.75
N MET A 671 -20.06 13.82 -44.98
CA MET A 671 -21.47 14.17 -44.89
C MET A 671 -21.71 15.41 -44.04
N LEU A 672 -20.87 15.67 -43.05
CA LEU A 672 -21.10 16.84 -42.20
C LEU A 672 -20.96 18.14 -42.99
N ILE A 673 -19.77 18.40 -43.53
CA ILE A 673 -19.46 19.68 -44.16
C ILE A 673 -19.68 19.53 -45.67
N PRO A 674 -20.61 20.29 -46.26
CA PRO A 674 -20.74 20.27 -47.73
C PRO A 674 -19.63 21.09 -48.38
N SER A 675 -19.19 20.62 -49.54
CA SER A 675 -18.13 21.31 -50.26
C SER A 675 -18.63 22.63 -50.84
N ASN A 676 -17.70 23.56 -51.05
CA ASN A 676 -18.06 24.85 -51.65
C ASN A 676 -18.62 24.68 -53.05
N GLU A 677 -17.99 23.82 -53.86
CA GLU A 677 -18.41 23.57 -55.23
C GLU A 677 -18.53 22.06 -55.44
N PRO A 678 -19.60 21.45 -54.91
CA PRO A 678 -19.76 20.00 -55.06
C PRO A 678 -19.85 19.59 -56.53
N HIS A 679 -19.25 18.45 -56.85
CA HIS A 679 -19.21 18.00 -58.24
C HIS A 679 -20.60 17.70 -58.78
N GLN A 680 -21.44 17.04 -57.97
CA GLN A 680 -22.76 16.62 -58.44
C GLN A 680 -23.86 16.87 -57.42
N SER A 681 -23.70 17.87 -56.55
CA SER A 681 -24.68 18.20 -55.52
C SER A 681 -24.86 17.02 -54.55
N MET A 682 -23.75 16.65 -53.89
CA MET A 682 -23.74 15.68 -52.80
C MET A 682 -24.61 14.45 -53.12
N VAL A 683 -24.25 13.79 -54.23
CA VAL A 683 -24.93 12.55 -54.63
C VAL A 683 -24.58 11.37 -53.74
N LEU A 684 -23.69 11.56 -52.75
CA LEU A 684 -23.24 10.43 -51.94
C LEU A 684 -24.42 9.72 -51.27
N ASP A 685 -25.51 10.44 -50.99
CA ASP A 685 -26.68 9.85 -50.35
C ASP A 685 -27.74 9.42 -51.36
N HIS A 686 -27.40 9.39 -52.66
CA HIS A 686 -28.38 9.04 -53.67
C HIS A 686 -28.97 7.66 -53.40
N ASN A 687 -30.27 7.62 -53.09
CA ASN A 687 -30.92 6.37 -52.78
C ASN A 687 -30.97 5.47 -54.01
N ILE A 688 -30.95 4.16 -53.76
CA ILE A 688 -31.11 3.15 -54.80
C ILE A 688 -32.42 2.39 -54.64
N ILE A 689 -32.60 1.71 -53.52
CA ILE A 689 -33.86 1.04 -53.20
C ILE A 689 -34.67 1.99 -52.33
N PRO A 690 -35.94 2.28 -52.67
CA PRO A 690 -36.70 3.25 -51.89
C PRO A 690 -36.65 2.98 -50.39
N GLY A 691 -36.16 3.96 -49.62
CA GLY A 691 -35.99 3.81 -48.20
C GLY A 691 -34.64 3.28 -47.76
N LEU A 692 -33.79 2.86 -48.69
CA LEU A 692 -32.50 2.27 -48.38
C LEU A 692 -31.42 3.00 -49.18
N SER A 693 -30.84 4.03 -48.56
CA SER A 693 -29.79 4.78 -49.21
C SER A 693 -28.52 3.95 -49.33
N ILE A 694 -27.74 4.23 -50.37
CA ILE A 694 -26.46 3.54 -50.54
C ILE A 694 -25.56 3.80 -49.34
N LEU A 695 -25.57 5.03 -48.83
CA LEU A 695 -24.83 5.34 -47.61
C LEU A 695 -25.32 4.47 -46.47
N ASN A 696 -26.64 4.28 -46.37
CA ASN A 696 -27.18 3.42 -45.32
C ASN A 696 -26.73 1.97 -45.53
N LEU A 697 -26.65 1.52 -46.77
CA LEU A 697 -26.23 0.13 -47.00
C LEU A 697 -24.76 -0.08 -46.64
N ILE A 698 -23.89 0.86 -47.00
CA ILE A 698 -22.49 0.74 -46.61
C ILE A 698 -22.36 0.81 -45.09
N PHE A 699 -23.15 1.68 -44.45
CA PHE A 699 -23.23 1.68 -43.00
C PHE A 699 -23.61 0.30 -42.49
N PHE A 700 -24.61 -0.32 -43.12
CA PHE A 700 -25.06 -1.63 -42.68
C PHE A 700 -23.95 -2.67 -42.77
N ILE A 701 -23.22 -2.67 -43.88
CA ILE A 701 -22.18 -3.70 -44.04
C ILE A 701 -21.05 -3.48 -43.04
N LEU A 702 -20.59 -2.23 -42.88
CA LEU A 702 -19.57 -1.97 -41.87
C LEU A 702 -20.06 -2.38 -40.48
N CYS A 703 -21.28 -1.97 -40.12
CA CYS A 703 -21.77 -2.28 -38.79
C CYS A 703 -21.88 -3.79 -38.58
N THR A 704 -22.42 -4.50 -39.57
CA THR A 704 -22.59 -5.95 -39.42
C THR A 704 -21.25 -6.64 -39.27
N PHE A 705 -20.30 -6.33 -40.14
CA PHE A 705 -19.02 -7.05 -40.10
C PHE A 705 -18.24 -6.69 -38.84
N VAL A 706 -18.21 -5.41 -38.47
CA VAL A 706 -17.50 -5.01 -37.26
C VAL A 706 -18.16 -5.65 -36.04
N GLN A 707 -19.49 -5.64 -35.99
CA GLN A 707 -20.17 -6.37 -34.93
C GLN A 707 -19.65 -7.80 -34.87
N LEU A 708 -19.86 -8.55 -35.94
CA LEU A 708 -19.56 -9.98 -35.94
C LEU A 708 -18.13 -10.25 -35.47
N LEU A 709 -17.17 -9.46 -35.94
CA LEU A 709 -15.77 -9.79 -35.62
C LEU A 709 -15.35 -9.17 -34.28
N GLY A 710 -15.41 -7.83 -34.17
CA GLY A 710 -14.94 -7.19 -32.96
C GLY A 710 -15.77 -7.54 -31.74
N GLY A 711 -17.10 -7.37 -31.83
CA GLY A 711 -17.93 -7.59 -30.68
C GLY A 711 -18.02 -9.02 -30.21
N TRP A 712 -17.29 -9.94 -30.84
CA TRP A 712 -17.26 -11.31 -30.35
C TRP A 712 -16.78 -11.36 -28.91
N TYR A 713 -15.71 -10.62 -28.60
CA TYR A 713 -15.16 -10.61 -27.25
C TYR A 713 -16.19 -10.12 -26.25
N PHE A 714 -16.80 -8.97 -26.53
CA PHE A 714 -17.78 -8.41 -25.59
C PHE A 714 -19.00 -9.30 -25.47
N TYR A 715 -19.46 -9.89 -26.58
CA TYR A 715 -20.61 -10.78 -26.52
C TYR A 715 -20.30 -11.99 -25.65
N VAL A 716 -19.12 -12.58 -25.79
CA VAL A 716 -18.77 -13.73 -24.99
C VAL A 716 -18.62 -13.34 -23.52
N GLN A 717 -18.07 -12.16 -23.26
CA GLN A 717 -17.95 -11.71 -21.87
C GLN A 717 -19.32 -11.53 -21.24
N ALA A 718 -20.26 -10.92 -21.97
CA ALA A 718 -21.61 -10.75 -21.45
C ALA A 718 -22.28 -12.11 -21.27
N TYR A 719 -22.06 -13.03 -22.21
CA TYR A 719 -22.64 -14.36 -22.09
C TYR A 719 -22.16 -15.06 -20.83
N LYS A 720 -20.84 -15.08 -20.60
CA LYS A 720 -20.31 -15.77 -19.44
C LYS A 720 -20.71 -15.05 -18.15
N SER A 721 -20.77 -13.72 -18.18
CA SER A 721 -21.22 -12.98 -17.00
C SER A 721 -22.66 -13.31 -16.67
N LEU A 722 -23.52 -13.40 -17.70
CA LEU A 722 -24.93 -13.71 -17.48
C LEU A 722 -25.14 -15.18 -17.13
N ARG A 723 -24.19 -16.05 -17.46
CA ARG A 723 -24.32 -17.44 -17.05
C ARG A 723 -24.49 -17.53 -15.54
N HIS A 724 -23.92 -16.60 -14.80
CA HIS A 724 -24.18 -16.42 -13.38
C HIS A 724 -25.02 -15.16 -13.19
N ARG A 725 -25.27 -14.82 -11.93
CA ARG A 725 -26.19 -13.71 -11.63
C ARG A 725 -25.57 -12.36 -11.99
N SER A 726 -24.27 -12.21 -11.81
CA SER A 726 -23.66 -10.89 -11.92
C SER A 726 -23.59 -10.43 -13.37
N ALA A 727 -23.55 -9.11 -13.54
CA ALA A 727 -23.41 -8.47 -14.84
C ALA A 727 -22.22 -7.53 -14.78
N ASN A 728 -21.21 -7.80 -15.60
CA ASN A 728 -19.95 -7.07 -15.53
C ASN A 728 -20.09 -5.72 -16.24
N MET A 729 -18.98 -5.04 -16.49
CA MET A 729 -19.04 -3.73 -17.14
C MET A 729 -19.37 -3.86 -18.61
N ASP A 730 -18.74 -4.81 -19.31
CA ASP A 730 -18.90 -4.90 -20.75
C ASP A 730 -20.31 -5.31 -21.15
N VAL A 731 -21.10 -5.86 -20.23
CA VAL A 731 -22.45 -6.29 -20.59
C VAL A 731 -23.28 -5.10 -21.04
N LEU A 732 -23.16 -3.96 -20.35
CA LEU A 732 -23.95 -2.80 -20.75
C LEU A 732 -23.51 -2.30 -22.12
N ILE A 733 -22.24 -2.45 -22.46
CA ILE A 733 -21.79 -2.08 -23.80
C ILE A 733 -22.36 -3.04 -24.84
N VAL A 734 -22.44 -4.33 -24.50
CA VAL A 734 -23.08 -5.28 -25.41
C VAL A 734 -24.53 -4.90 -25.63
N LEU A 735 -25.24 -4.54 -24.56
CA LEU A 735 -26.61 -4.07 -24.72
C LEU A 735 -26.67 -2.81 -25.57
N ALA A 736 -25.78 -1.85 -25.33
CA ALA A 736 -25.80 -0.63 -26.13
C ALA A 736 -25.69 -0.97 -27.62
N THR A 737 -24.68 -1.74 -27.98
CA THR A 737 -24.45 -2.04 -29.39
C THR A 737 -25.58 -2.89 -29.96
N SER A 738 -26.07 -3.86 -29.21
CA SER A 738 -27.12 -4.73 -29.73
C SER A 738 -28.42 -3.97 -29.92
N ILE A 739 -28.79 -3.12 -28.96
CA ILE A 739 -30.00 -2.33 -29.11
C ILE A 739 -29.88 -1.37 -30.29
N ALA A 740 -28.73 -0.70 -30.42
CA ALA A 740 -28.54 0.15 -31.59
C ALA A 740 -28.68 -0.65 -32.87
N TYR A 741 -28.04 -1.83 -32.93
CA TYR A 741 -28.12 -2.66 -34.12
C TYR A 741 -29.55 -3.03 -34.45
N VAL A 742 -30.29 -3.54 -33.48
CA VAL A 742 -31.64 -4.05 -33.76
C VAL A 742 -32.59 -2.92 -34.13
N TYR A 743 -32.49 -1.77 -33.44
CA TYR A 743 -33.41 -0.68 -33.77
C TYR A 743 -33.06 -0.06 -35.13
N SER A 744 -31.77 0.07 -35.45
CA SER A 744 -31.42 0.52 -36.78
C SER A 744 -31.90 -0.47 -37.83
N LEU A 745 -31.76 -1.77 -37.56
CA LEU A 745 -32.21 -2.78 -38.51
C LEU A 745 -33.72 -2.69 -38.74
N VAL A 746 -34.49 -2.54 -37.66
CA VAL A 746 -35.94 -2.53 -37.81
C VAL A 746 -36.41 -1.26 -38.52
N ILE A 747 -35.78 -0.12 -38.22
CA ILE A 747 -36.15 1.10 -38.94
C ILE A 747 -35.82 0.95 -40.42
N LEU A 748 -34.68 0.32 -40.73
CA LEU A 748 -34.36 0.07 -42.14
C LEU A 748 -35.37 -0.87 -42.78
N VAL A 749 -35.78 -1.91 -42.05
CA VAL A 749 -36.75 -2.87 -42.59
C VAL A 749 -38.07 -2.19 -42.89
N VAL A 750 -38.55 -1.35 -41.97
CA VAL A 750 -39.80 -0.64 -42.24
C VAL A 750 -39.62 0.34 -43.39
N ALA A 751 -38.44 0.96 -43.50
CA ALA A 751 -38.18 1.85 -44.62
C ALA A 751 -38.29 1.12 -45.94
N VAL A 752 -37.73 -0.09 -46.02
CA VAL A 752 -37.77 -0.87 -47.26
C VAL A 752 -39.09 -1.60 -47.46
N ALA A 753 -39.92 -1.70 -46.42
CA ALA A 753 -41.21 -2.37 -46.55
C ALA A 753 -42.22 -1.46 -47.22
N GLU A 754 -42.51 -0.31 -46.61
CA GLU A 754 -43.35 0.68 -47.24
C GLU A 754 -42.68 1.35 -48.42
N LYS A 755 -41.38 1.10 -48.64
CA LYS A 755 -40.64 1.69 -49.74
C LYS A 755 -40.55 3.20 -49.57
N ALA A 756 -40.22 3.63 -48.36
CA ALA A 756 -40.17 5.06 -48.05
C ALA A 756 -39.20 5.77 -48.98
N GLU A 757 -39.59 6.97 -49.42
CA GLU A 757 -38.78 7.70 -50.38
C GLU A 757 -37.42 8.07 -49.79
N ARG A 758 -37.38 8.51 -48.54
CA ARG A 758 -36.17 9.02 -47.91
C ARG A 758 -35.66 8.00 -46.91
N SER A 759 -34.42 7.55 -47.10
CA SER A 759 -33.80 6.63 -46.15
C SER A 759 -33.68 7.32 -44.79
N PRO A 760 -34.01 6.63 -43.70
CA PRO A 760 -33.96 7.29 -42.39
C PRO A 760 -32.53 7.37 -41.87
N VAL A 761 -32.36 8.26 -40.89
CA VAL A 761 -31.10 8.37 -40.16
C VAL A 761 -31.14 7.34 -39.03
N THR A 762 -30.12 6.48 -38.98
CA THR A 762 -30.13 5.33 -38.10
C THR A 762 -28.80 5.23 -37.37
N PHE A 763 -28.78 4.38 -36.34
CA PHE A 763 -27.60 4.22 -35.48
C PHE A 763 -26.68 3.12 -35.97
N PHE A 764 -26.33 3.15 -37.25
CA PHE A 764 -25.20 2.39 -37.76
C PHE A 764 -23.90 3.17 -37.67
N ASP A 765 -23.98 4.49 -37.44
CA ASP A 765 -22.79 5.28 -37.18
C ASP A 765 -22.13 4.89 -35.87
N THR A 766 -22.92 4.56 -34.86
CA THR A 766 -22.41 4.45 -33.50
C THR A 766 -21.65 3.17 -33.17
N PRO A 767 -22.01 1.99 -33.68
CA PRO A 767 -21.32 0.76 -33.21
C PRO A 767 -19.82 0.82 -33.44
N PRO A 768 -19.35 1.22 -34.63
CA PRO A 768 -17.90 1.17 -34.84
C PRO A 768 -17.15 2.27 -34.13
N MET A 769 -17.73 3.48 -34.06
CA MET A 769 -17.12 4.53 -33.27
C MET A 769 -17.02 4.09 -31.81
N LEU A 770 -18.08 3.47 -31.31
CA LEU A 770 -18.09 2.98 -29.94
C LEU A 770 -17.00 1.96 -29.72
N PHE A 771 -16.85 1.02 -30.66
CA PHE A 771 -15.82 0.00 -30.50
C PHE A 771 -14.43 0.62 -30.52
N VAL A 772 -14.19 1.55 -31.45
CA VAL A 772 -12.87 2.16 -31.54
C VAL A 772 -12.53 2.89 -30.24
N PHE A 773 -13.44 3.73 -29.76
CA PHE A 773 -13.13 4.51 -28.56
C PHE A 773 -13.09 3.66 -27.31
N ILE A 774 -13.94 2.62 -27.19
CA ILE A 774 -13.87 1.78 -26.02
C ILE A 774 -12.57 0.98 -26.01
N ALA A 775 -12.15 0.47 -27.17
CA ALA A 775 -10.87 -0.23 -27.23
C ALA A 775 -9.72 0.70 -26.89
N LEU A 776 -9.76 1.93 -27.42
CA LEU A 776 -8.74 2.90 -27.08
C LEU A 776 -8.69 3.16 -25.58
N GLY A 777 -9.86 3.33 -24.96
CA GLY A 777 -9.91 3.59 -23.54
C GLY A 777 -9.39 2.43 -22.72
N ARG A 778 -9.77 1.21 -23.07
CA ARG A 778 -9.28 0.04 -22.35
C ARG A 778 -7.77 -0.09 -22.51
N TRP A 779 -7.25 0.11 -23.72
CA TRP A 779 -5.81 0.10 -23.92
C TRP A 779 -5.12 1.13 -23.04
N LEU A 780 -5.58 2.37 -23.08
CA LEU A 780 -4.93 3.43 -22.33
C LEU A 780 -4.99 3.16 -20.83
N GLU A 781 -6.13 2.71 -20.33
CA GLU A 781 -6.28 2.53 -18.89
C GLU A 781 -5.53 1.30 -18.40
N HIS A 782 -5.42 0.25 -19.22
CA HIS A 782 -4.57 -0.87 -18.84
C HIS A 782 -3.10 -0.49 -18.90
N LEU A 783 -2.70 0.35 -19.86
CA LEU A 783 -1.33 0.84 -19.86
C LEU A 783 -1.04 1.65 -18.60
N ALA A 784 -1.96 2.53 -18.24
CA ALA A 784 -1.79 3.31 -17.02
C ALA A 784 -1.73 2.42 -15.79
N LYS A 785 -2.61 1.41 -15.73
CA LYS A 785 -2.59 0.48 -14.61
C LYS A 785 -1.26 -0.26 -14.53
N SER A 786 -0.74 -0.71 -15.67
CA SER A 786 0.58 -1.32 -15.68
C SER A 786 1.62 -0.37 -15.12
N LYS A 787 1.54 0.91 -15.49
CA LYS A 787 2.43 1.90 -14.91
C LYS A 787 2.19 2.08 -13.42
N THR A 788 1.01 1.74 -12.92
CA THR A 788 0.76 1.85 -11.48
C THR A 788 1.67 0.92 -10.70
N SER A 789 1.86 -0.31 -11.18
CA SER A 789 2.59 -1.34 -10.45
C SER A 789 4.10 -1.28 -10.68
N GLU A 790 4.62 -0.10 -11.04
CA GLU A 790 6.04 0.01 -11.33
C GLU A 790 6.88 -0.40 -10.12
N ALA A 791 6.54 0.11 -8.94
CA ALA A 791 7.34 -0.19 -7.76
C ALA A 791 7.30 -1.68 -7.43
N LEU A 792 6.10 -2.25 -7.34
CA LEU A 792 5.97 -3.67 -7.04
C LEU A 792 6.58 -4.52 -8.13
N ALA A 793 6.41 -4.12 -9.40
CA ALA A 793 6.99 -4.88 -10.49
C ALA A 793 8.51 -4.88 -10.41
N LYS A 794 9.11 -3.73 -10.12
CA LYS A 794 10.56 -3.67 -9.98
C LYS A 794 11.03 -4.55 -8.83
N LEU A 795 10.40 -4.42 -7.67
CA LEU A 795 10.82 -5.22 -6.53
C LEU A 795 10.69 -6.72 -6.83
N MET A 796 9.60 -7.11 -7.49
CA MET A 796 9.43 -8.52 -7.84
C MET A 796 10.52 -8.97 -8.81
N SER A 797 10.69 -8.24 -9.91
CA SER A 797 11.73 -8.57 -10.89
C SER A 797 13.02 -7.83 -10.61
N LEU A 798 13.44 -7.86 -9.34
CA LEU A 798 14.77 -7.45 -8.94
C LEU A 798 15.59 -8.58 -8.35
N GLN A 799 14.95 -9.57 -7.75
CA GLN A 799 15.68 -10.71 -7.20
C GLN A 799 16.39 -11.46 -8.31
N ALA A 800 17.63 -11.86 -8.03
CA ALA A 800 18.38 -12.67 -8.97
C ALA A 800 17.87 -14.11 -8.94
N THR A 801 17.67 -14.70 -10.11
CA THR A 801 17.21 -16.06 -10.23
C THR A 801 18.35 -17.08 -10.17
N GLU A 802 19.59 -16.62 -10.18
CA GLU A 802 20.75 -17.51 -10.16
C GLU A 802 21.83 -16.88 -9.28
N ALA A 803 22.74 -17.73 -8.80
CA ALA A 803 23.79 -17.26 -7.91
C ALA A 803 25.04 -18.11 -8.11
N THR A 804 26.18 -17.53 -7.73
CA THR A 804 27.47 -18.19 -7.83
C THR A 804 27.80 -18.80 -6.47
N VAL A 805 27.79 -20.12 -6.39
CA VAL A 805 28.14 -20.85 -5.17
C VAL A 805 29.50 -21.50 -5.39
N VAL A 806 30.36 -21.42 -4.38
CA VAL A 806 31.72 -21.89 -4.46
C VAL A 806 31.98 -22.84 -3.30
N THR A 807 33.20 -23.39 -3.27
CA THR A 807 33.65 -24.26 -2.19
C THR A 807 34.99 -23.76 -1.70
N LEU A 808 35.18 -23.80 -0.38
CA LEU A 808 36.37 -23.26 0.26
C LEU A 808 37.18 -24.38 0.87
N GLY A 809 38.47 -24.44 0.54
CA GLY A 809 39.29 -25.52 1.05
C GLY A 809 39.56 -25.45 2.53
N GLU A 810 40.44 -24.54 2.96
CA GLU A 810 40.57 -24.27 4.39
C GLU A 810 40.39 -22.79 4.71
N ASP A 811 41.18 -21.92 4.09
CA ASP A 811 41.11 -20.48 4.35
C ASP A 811 40.38 -19.78 3.22
N ASN A 812 39.06 -19.95 3.21
CA ASN A 812 38.16 -19.30 2.27
C ASN A 812 38.78 -19.20 0.88
N LEU A 813 39.48 -20.26 0.46
CA LEU A 813 40.18 -20.26 -0.81
C LEU A 813 39.25 -20.77 -1.91
N ILE A 814 39.81 -21.06 -3.08
CA ILE A 814 39.04 -21.51 -4.24
C ILE A 814 39.22 -23.01 -4.39
N ILE A 815 38.10 -23.74 -4.46
CA ILE A 815 38.10 -25.16 -4.75
C ILE A 815 37.31 -25.41 -6.03
N ARG A 816 36.06 -24.96 -6.05
CA ARG A 816 35.22 -25.16 -7.22
C ARG A 816 34.07 -24.17 -7.17
N GLU A 817 33.55 -23.84 -8.36
CA GLU A 817 32.43 -22.94 -8.50
C GLU A 817 31.33 -23.61 -9.30
N GLU A 818 30.09 -23.33 -8.91
CA GLU A 818 28.93 -23.83 -9.64
C GLU A 818 27.87 -22.73 -9.68
N GLN A 819 27.16 -22.66 -10.80
CA GLN A 819 26.06 -21.73 -10.96
C GLN A 819 24.76 -22.42 -10.61
N VAL A 820 23.98 -21.83 -9.72
CA VAL A 820 22.82 -22.49 -9.14
C VAL A 820 21.61 -21.55 -9.22
N PRO A 821 20.41 -22.07 -9.37
CA PRO A 821 19.21 -21.22 -9.26
C PRO A 821 18.78 -21.10 -7.80
N MET A 822 17.71 -20.33 -7.59
CA MET A 822 17.26 -20.05 -6.23
C MET A 822 16.65 -21.28 -5.58
N GLU A 823 15.90 -22.09 -6.34
CA GLU A 823 15.21 -23.23 -5.73
C GLU A 823 16.17 -24.25 -5.17
N LEU A 824 17.39 -24.34 -5.69
CA LEU A 824 18.33 -25.36 -5.24
C LEU A 824 19.19 -24.89 -4.08
N VAL A 825 19.61 -23.62 -4.08
CA VAL A 825 20.46 -23.12 -3.00
C VAL A 825 19.72 -23.24 -1.67
N GLN A 826 20.48 -23.47 -0.60
CA GLN A 826 19.94 -23.66 0.73
C GLN A 826 20.66 -22.73 1.70
N ARG A 827 20.26 -22.78 2.97
CA ARG A 827 20.86 -21.95 3.99
C ARG A 827 22.29 -22.36 4.26
N GLY A 828 23.12 -21.39 4.65
CA GLY A 828 24.50 -21.65 5.00
C GLY A 828 25.45 -21.77 3.83
N ASP A 829 24.97 -21.65 2.60
CA ASP A 829 25.83 -21.77 1.44
C ASP A 829 26.68 -20.53 1.26
N ILE A 830 27.81 -20.70 0.59
CA ILE A 830 28.76 -19.63 0.32
C ILE A 830 28.51 -19.13 -1.09
N VAL A 831 28.24 -17.83 -1.22
CA VAL A 831 27.92 -17.22 -2.50
C VAL A 831 28.92 -16.11 -2.78
N LYS A 832 29.47 -16.09 -3.99
CA LYS A 832 30.41 -15.08 -4.43
C LYS A 832 29.71 -14.08 -5.33
N VAL A 833 29.94 -12.79 -5.08
CA VAL A 833 29.38 -11.72 -5.89
C VAL A 833 30.54 -10.86 -6.38
N VAL A 834 30.67 -10.73 -7.70
CA VAL A 834 31.79 -10.03 -8.32
C VAL A 834 31.50 -8.53 -8.33
N PRO A 835 32.47 -7.67 -8.61
CA PRO A 835 32.20 -6.23 -8.62
C PRO A 835 31.08 -5.91 -9.60
N GLY A 836 30.22 -4.98 -9.19
CA GLY A 836 29.03 -4.68 -9.96
C GLY A 836 27.98 -5.76 -9.95
N GLY A 837 28.19 -6.83 -9.19
CA GLY A 837 27.25 -7.94 -9.18
C GLY A 837 26.08 -7.71 -8.25
N LYS A 838 25.11 -8.61 -8.35
CA LYS A 838 23.91 -8.59 -7.54
C LYS A 838 24.11 -9.44 -6.29
N PHE A 839 23.23 -9.22 -5.30
CA PHE A 839 23.23 -10.04 -4.10
C PHE A 839 22.05 -10.97 -4.18
N PRO A 840 22.25 -12.27 -4.49
CA PRO A 840 21.09 -13.15 -4.67
C PRO A 840 20.49 -13.68 -3.39
N VAL A 841 21.25 -13.67 -2.29
CA VAL A 841 20.77 -14.21 -1.01
C VAL A 841 21.28 -13.33 0.11
N ASP A 842 20.41 -13.04 1.07
CA ASP A 842 20.83 -12.34 2.28
C ASP A 842 21.64 -13.25 3.17
N GLY A 843 22.61 -12.66 3.87
CA GLY A 843 23.48 -13.45 4.71
C GLY A 843 24.44 -12.57 5.48
N LYS A 844 25.47 -13.21 6.02
CA LYS A 844 26.51 -12.55 6.79
C LYS A 844 27.75 -12.38 5.94
N VAL A 845 28.36 -11.20 6.00
CA VAL A 845 29.56 -10.94 5.22
C VAL A 845 30.71 -11.74 5.80
N LEU A 846 31.43 -12.45 4.94
CA LEU A 846 32.55 -13.29 5.36
C LEU A 846 33.87 -12.52 5.28
N GLU A 847 34.23 -12.09 4.08
CA GLU A 847 35.43 -11.29 3.89
C GLU A 847 35.32 -10.52 2.58
N GLY A 848 36.06 -9.41 2.50
CA GLY A 848 36.07 -8.59 1.31
C GLY A 848 35.35 -7.28 1.49
N ASN A 849 36.11 -6.20 1.70
CA ASN A 849 35.50 -4.88 1.79
C ASN A 849 34.83 -4.50 0.48
N THR A 850 33.71 -3.81 0.57
CA THR A 850 33.02 -3.33 -0.63
C THR A 850 31.93 -2.35 -0.19
N MET A 851 31.14 -1.91 -1.16
CA MET A 851 30.03 -1.00 -0.92
C MET A 851 28.76 -1.58 -1.55
N ALA A 852 27.62 -1.21 -0.99
CA ALA A 852 26.33 -1.63 -1.49
C ALA A 852 25.39 -0.43 -1.54
N ASP A 853 24.39 -0.52 -2.42
CA ASP A 853 23.42 0.55 -2.59
C ASP A 853 22.02 -0.02 -2.38
N GLU A 854 21.21 0.68 -1.60
CA GLU A 854 19.85 0.25 -1.26
C GLU A 854 18.80 1.17 -1.88
N SER A 855 19.11 1.77 -3.03
CA SER A 855 18.18 2.70 -3.65
C SER A 855 16.87 2.02 -4.00
N LEU A 856 16.95 0.81 -4.56
CA LEU A 856 15.74 0.12 -5.01
C LEU A 856 14.99 -0.56 -3.87
N ILE A 857 15.62 -0.72 -2.71
CA ILE A 857 15.00 -1.43 -1.59
C ILE A 857 14.55 -0.45 -0.51
N THR A 858 15.48 0.27 0.09
CA THR A 858 15.16 1.19 1.18
C THR A 858 15.06 2.64 0.73
N GLY A 859 15.26 2.93 -0.55
CA GLY A 859 15.14 4.28 -1.04
C GLY A 859 16.13 5.26 -0.45
N GLU A 860 17.23 4.77 0.12
CA GLU A 860 18.25 5.65 0.67
C GLU A 860 19.15 6.17 -0.45
N ALA A 861 20.09 7.04 -0.10
CA ALA A 861 20.97 7.69 -1.07
C ALA A 861 22.42 7.27 -0.93
N MET A 862 23.01 7.43 0.25
CA MET A 862 24.43 7.13 0.43
C MET A 862 24.67 5.65 0.20
N PRO A 863 25.55 5.26 -0.73
CA PRO A 863 25.84 3.83 -0.90
C PRO A 863 26.33 3.20 0.38
N VAL A 864 25.54 2.28 0.94
CA VAL A 864 25.87 1.71 2.24
C VAL A 864 27.15 0.87 2.12
N THR A 865 28.09 1.11 3.02
CA THR A 865 29.33 0.36 3.05
C THR A 865 29.12 -0.98 3.72
N LYS A 866 29.80 -2.00 3.23
CA LYS A 866 29.72 -3.35 3.79
C LYS A 866 31.14 -3.87 4.00
N LYS A 867 31.37 -4.47 5.16
CA LYS A 867 32.68 -4.95 5.57
C LYS A 867 32.54 -6.36 6.15
N PRO A 868 33.65 -7.11 6.21
CA PRO A 868 33.60 -8.47 6.76
C PRO A 868 32.95 -8.53 8.14
N GLY A 869 31.81 -9.20 8.24
CA GLY A 869 31.07 -9.31 9.47
C GLY A 869 29.78 -8.50 9.49
N SER A 870 29.56 -7.63 8.52
CA SER A 870 28.32 -6.89 8.43
C SER A 870 27.24 -7.76 7.79
N THR A 871 26.08 -7.18 7.50
CA THR A 871 24.98 -7.88 6.85
C THR A 871 24.80 -7.34 5.44
N VAL A 872 23.96 -8.05 4.67
CA VAL A 872 23.68 -7.69 3.28
C VAL A 872 22.18 -7.77 3.05
N ILE A 873 21.78 -7.38 1.84
CA ILE A 873 20.39 -7.45 1.41
C ILE A 873 20.37 -8.04 0.00
N ALA A 874 19.51 -9.03 -0.21
CA ALA A 874 19.47 -9.77 -1.48
C ALA A 874 18.82 -8.89 -2.55
N GLY A 875 19.64 -8.20 -3.33
CA GLY A 875 19.14 -7.31 -4.36
C GLY A 875 20.01 -6.08 -4.53
N SER A 876 20.84 -5.78 -3.54
CA SER A 876 21.76 -4.66 -3.66
C SER A 876 22.87 -4.98 -4.65
N ILE A 877 23.31 -3.95 -5.36
CA ILE A 877 24.34 -4.10 -6.39
C ILE A 877 25.71 -3.91 -5.74
N ASN A 878 26.61 -4.85 -5.98
CA ASN A 878 27.97 -4.73 -5.48
C ASN A 878 28.72 -3.63 -6.22
N ALA A 879 29.69 -3.03 -5.54
CA ALA A 879 30.44 -1.91 -6.09
C ALA A 879 31.93 -2.20 -6.22
N HIS A 880 32.57 -2.73 -5.17
CA HIS A 880 34.01 -2.91 -5.15
C HIS A 880 34.35 -4.35 -4.84
N GLY A 881 35.24 -4.93 -5.64
CA GLY A 881 35.78 -6.24 -5.34
C GLY A 881 34.73 -7.35 -5.39
N SER A 882 35.14 -8.51 -4.89
CA SER A 882 34.29 -9.67 -4.78
C SER A 882 34.18 -10.08 -3.31
N VAL A 883 32.98 -10.41 -2.87
CA VAL A 883 32.71 -10.71 -1.47
C VAL A 883 31.97 -12.04 -1.39
N LEU A 884 32.28 -12.81 -0.36
CA LEU A 884 31.67 -14.11 -0.11
C LEU A 884 30.72 -13.99 1.07
N ILE A 885 29.51 -14.53 0.91
CA ILE A 885 28.44 -14.40 1.89
C ILE A 885 28.01 -15.79 2.32
N LYS A 886 27.73 -15.95 3.61
CA LYS A 886 27.12 -17.16 4.12
C LYS A 886 25.62 -16.99 4.12
N ALA A 887 24.93 -17.81 3.34
CA ALA A 887 23.47 -17.68 3.23
C ALA A 887 22.81 -17.89 4.58
N THR A 888 21.94 -16.95 4.95
CA THR A 888 21.13 -17.06 6.15
C THR A 888 19.64 -16.98 5.87
N HIS A 889 19.23 -16.25 4.84
CA HIS A 889 17.84 -16.18 4.41
C HIS A 889 17.79 -16.44 2.91
N VAL A 890 17.14 -17.53 2.52
CA VAL A 890 17.11 -17.98 1.12
C VAL A 890 15.67 -17.97 0.64
N GLY A 891 15.47 -17.52 -0.59
CA GLY A 891 14.14 -17.55 -1.18
C GLY A 891 13.17 -16.70 -0.37
N ASN A 892 12.08 -17.32 0.07
CA ASN A 892 11.05 -16.59 0.79
C ASN A 892 11.61 -15.92 2.04
N ASP A 893 12.68 -16.48 2.62
CA ASP A 893 13.29 -15.87 3.79
C ASP A 893 13.93 -14.52 3.47
N THR A 894 14.30 -14.29 2.22
CA THR A 894 15.03 -13.08 1.86
C THR A 894 14.22 -11.84 2.23
N THR A 895 14.94 -10.77 2.60
CA THR A 895 14.26 -9.55 3.01
C THR A 895 13.35 -9.01 1.91
N LEU A 896 13.83 -9.03 0.67
CA LEU A 896 12.97 -8.62 -0.45
C LEU A 896 11.73 -9.50 -0.54
N ALA A 897 11.84 -10.78 -0.21
CA ALA A 897 10.69 -11.66 -0.30
C ALA A 897 9.55 -11.15 0.57
N GLN A 898 9.83 -10.90 1.85
CA GLN A 898 8.79 -10.39 2.73
C GLN A 898 8.44 -8.93 2.44
N ILE A 899 9.37 -8.15 1.88
CA ILE A 899 9.03 -6.80 1.48
C ILE A 899 7.96 -6.82 0.39
N VAL A 900 8.17 -7.60 -0.65
CA VAL A 900 7.19 -7.69 -1.73
C VAL A 900 5.91 -8.35 -1.23
N LYS A 901 6.03 -9.34 -0.33
CA LYS A 901 4.83 -9.92 0.27
C LYS A 901 4.01 -8.85 0.98
N LEU A 902 4.67 -8.01 1.77
CA LEU A 902 3.97 -6.94 2.47
C LEU A 902 3.34 -5.96 1.50
N VAL A 903 4.07 -5.58 0.45
CA VAL A 903 3.52 -4.65 -0.53
C VAL A 903 2.29 -5.23 -1.20
N GLU A 904 2.35 -6.50 -1.59
CA GLU A 904 1.25 -7.09 -2.35
C GLU A 904 0.04 -7.35 -1.46
N GLU A 905 0.26 -7.78 -0.21
CA GLU A 905 -0.87 -7.91 0.70
C GLU A 905 -1.39 -6.54 1.14
N ALA A 906 -0.61 -5.48 0.95
CA ALA A 906 -1.08 -4.16 1.35
C ALA A 906 -2.37 -3.82 0.64
N GLN A 907 -2.47 -4.12 -0.65
CA GLN A 907 -3.71 -3.91 -1.39
C GLN A 907 -4.65 -5.10 -1.22
N MET A 908 -4.83 -5.53 0.03
CA MET A 908 -5.79 -6.57 0.35
C MET A 908 -6.65 -6.14 1.52
N SER A 909 -6.07 -5.36 2.43
CA SER A 909 -6.81 -4.84 3.59
C SER A 909 -7.60 -3.64 3.12
N LYS A 910 -8.87 -3.87 2.79
CA LYS A 910 -9.68 -2.82 2.19
C LYS A 910 -10.10 -1.78 3.22
N ALA A 911 -10.03 -0.51 2.81
CA ALA A 911 -10.44 0.60 3.64
C ALA A 911 -11.95 0.66 3.76
N PRO A 912 -12.47 1.38 4.75
CA PRO A 912 -13.93 1.62 4.79
C PRO A 912 -14.43 2.24 3.51
N ILE A 913 -13.79 3.31 3.05
CA ILE A 913 -14.17 3.90 1.77
C ILE A 913 -13.99 2.89 0.66
N GLN A 914 -12.98 2.03 0.76
CA GLN A 914 -12.76 1.01 -0.24
C GLN A 914 -13.97 0.09 -0.37
N GLN A 915 -14.48 -0.41 0.76
CA GLN A 915 -15.59 -1.34 0.69
C GLN A 915 -16.90 -0.62 0.36
N LEU A 916 -17.04 0.66 0.73
CA LEU A 916 -18.17 1.43 0.25
C LEU A 916 -18.15 1.54 -1.27
N ALA A 917 -16.96 1.80 -1.84
CA ALA A 917 -16.84 1.87 -3.28
C ALA A 917 -17.16 0.53 -3.93
N ASP A 918 -16.69 -0.56 -3.32
CA ASP A 918 -17.01 -1.89 -3.84
C ASP A 918 -18.51 -2.12 -3.83
N ARG A 919 -19.18 -1.76 -2.72
CA ARG A 919 -20.63 -1.92 -2.64
C ARG A 919 -21.32 -1.14 -3.75
N PHE A 920 -20.98 0.15 -3.90
CA PHE A 920 -21.64 0.97 -4.91
C PHE A 920 -21.40 0.41 -6.30
N SER A 921 -20.15 0.05 -6.62
CA SER A 921 -19.85 -0.47 -7.94
C SER A 921 -20.57 -1.78 -8.20
N GLY A 922 -20.78 -2.58 -7.17
CA GLY A 922 -21.50 -3.83 -7.35
C GLY A 922 -22.92 -3.62 -7.83
N TYR A 923 -23.61 -2.62 -7.27
CA TYR A 923 -24.97 -2.29 -7.63
C TYR A 923 -25.02 -1.05 -8.51
N PHE A 924 -24.04 -0.93 -9.42
CA PHE A 924 -23.94 0.22 -10.32
C PHE A 924 -24.39 -0.13 -11.73
N VAL A 925 -23.82 -1.15 -12.33
CA VAL A 925 -24.25 -1.57 -13.67
C VAL A 925 -25.75 -1.86 -13.70
N PRO A 926 -26.32 -2.62 -12.76
CA PRO A 926 -27.78 -2.74 -12.73
C PRO A 926 -28.46 -1.39 -12.62
N PHE A 927 -27.93 -0.49 -11.80
CA PHE A 927 -28.49 0.85 -11.70
C PHE A 927 -28.41 1.58 -13.03
N ILE A 928 -27.28 1.44 -13.73
CA ILE A 928 -27.12 2.13 -15.00
C ILE A 928 -28.15 1.63 -16.01
N ILE A 929 -28.33 0.32 -16.10
CA ILE A 929 -29.30 -0.21 -17.06
C ILE A 929 -30.72 0.22 -16.68
N ILE A 930 -31.04 0.20 -15.39
CA ILE A 930 -32.37 0.62 -14.96
C ILE A 930 -32.59 2.10 -15.31
N MET A 931 -31.60 2.94 -15.05
CA MET A 931 -31.72 4.35 -15.37
C MET A 931 -31.87 4.56 -16.87
N SER A 932 -31.14 3.79 -17.67
CA SER A 932 -31.27 3.91 -19.12
C SER A 932 -32.68 3.55 -19.58
N THR A 933 -33.22 2.46 -19.05
CA THR A 933 -34.57 2.06 -19.44
C THR A 933 -35.59 3.11 -19.00
N LEU A 934 -35.44 3.66 -17.80
CA LEU A 934 -36.36 4.70 -17.36
C LEU A 934 -36.24 5.95 -18.23
N THR A 935 -35.03 6.31 -18.63
CA THR A 935 -34.86 7.44 -19.55
C THR A 935 -35.58 7.18 -20.87
N LEU A 936 -35.42 5.98 -21.41
CA LEU A 936 -36.13 5.63 -22.64
C LEU A 936 -37.63 5.76 -22.44
N VAL A 937 -38.14 5.25 -21.33
CA VAL A 937 -39.58 5.27 -21.09
C VAL A 937 -40.09 6.70 -20.98
N VAL A 938 -39.38 7.53 -20.22
CA VAL A 938 -39.84 8.91 -20.03
C VAL A 938 -39.82 9.66 -21.35
N TRP A 939 -38.75 9.48 -22.14
CA TRP A 939 -38.68 10.19 -23.41
C TRP A 939 -39.81 9.73 -24.35
N ILE A 940 -40.02 8.42 -24.44
CA ILE A 940 -41.04 7.93 -25.37
C ILE A 940 -42.43 8.38 -24.92
N VAL A 941 -42.71 8.34 -23.63
CA VAL A 941 -44.06 8.72 -23.17
C VAL A 941 -44.27 10.21 -23.33
N ILE A 942 -43.28 11.03 -22.98
CA ILE A 942 -43.45 12.48 -23.12
C ILE A 942 -43.63 12.83 -24.59
N GLY A 943 -42.95 12.12 -25.48
CA GLY A 943 -43.19 12.32 -26.90
C GLY A 943 -44.60 11.92 -27.31
N PHE A 944 -45.05 10.76 -26.82
CA PHE A 944 -46.32 10.21 -27.27
C PHE A 944 -47.52 10.93 -26.67
N ILE A 945 -47.33 11.69 -25.60
CA ILE A 945 -48.44 12.35 -24.90
C ILE A 945 -48.35 13.87 -25.05
N ASP A 946 -47.27 14.47 -24.54
CA ASP A 946 -47.10 15.93 -24.54
C ASP A 946 -46.10 16.28 -25.63
N PHE A 947 -46.60 16.54 -26.84
CA PHE A 947 -45.75 16.91 -27.96
C PHE A 947 -45.46 18.40 -28.00
N GLY A 948 -46.10 19.20 -27.16
CA GLY A 948 -45.83 20.63 -27.17
C GLY A 948 -44.43 20.97 -26.70
N VAL A 949 -43.95 20.28 -25.67
CA VAL A 949 -42.60 20.56 -25.17
C VAL A 949 -41.55 20.20 -26.21
N VAL A 950 -41.69 19.04 -26.85
CA VAL A 950 -40.70 18.63 -27.84
C VAL A 950 -40.70 19.59 -29.02
N GLN A 951 -41.88 19.96 -29.51
CA GLN A 951 -41.94 20.87 -30.67
C GLN A 951 -41.47 22.27 -30.32
N ARG A 952 -41.42 22.62 -29.03
CA ARG A 952 -40.89 23.92 -28.66
C ARG A 952 -39.44 24.07 -29.10
N TYR A 953 -38.75 22.95 -29.32
CA TYR A 953 -37.37 22.97 -29.78
C TYR A 953 -37.11 21.97 -30.91
N PHE A 954 -38.15 21.31 -31.43
CA PHE A 954 -38.03 20.44 -32.61
C PHE A 954 -39.18 20.76 -33.55
N PRO A 955 -39.21 21.97 -34.11
CA PRO A 955 -40.31 22.37 -34.99
C PRO A 955 -40.12 22.03 -36.45
N ASN A 956 -39.03 21.36 -36.83
CA ASN A 956 -38.73 21.12 -38.23
C ASN A 956 -39.80 20.24 -38.86
N PRO A 957 -40.67 20.78 -39.73
CA PRO A 957 -41.69 19.95 -40.37
C PRO A 957 -41.09 19.21 -41.56
N ASN A 958 -40.93 17.91 -41.41
CA ASN A 958 -40.31 17.07 -42.43
C ASN A 958 -41.29 15.98 -42.82
N LYS A 959 -41.91 16.11 -43.99
CA LYS A 959 -42.79 15.06 -44.47
C LYS A 959 -42.03 13.77 -44.70
N HIS A 960 -40.72 13.86 -44.96
CA HIS A 960 -39.92 12.67 -45.16
C HIS A 960 -39.87 11.82 -43.89
N ILE A 961 -39.68 12.47 -42.74
CA ILE A 961 -39.64 11.79 -41.45
C ILE A 961 -40.58 12.54 -40.50
N SER A 962 -41.57 11.83 -39.98
CA SER A 962 -42.59 12.45 -39.14
C SER A 962 -42.07 12.61 -37.72
N GLN A 963 -42.77 13.44 -36.95
CA GLN A 963 -42.37 13.69 -35.56
C GLN A 963 -42.47 12.42 -34.72
N THR A 964 -43.50 11.61 -34.98
CA THR A 964 -43.67 10.38 -34.20
C THR A 964 -42.49 9.43 -34.35
N GLU A 965 -41.74 9.53 -35.46
CA GLU A 965 -40.58 8.68 -35.67
C GLU A 965 -39.30 9.32 -35.15
N VAL A 966 -39.11 10.63 -35.39
CA VAL A 966 -37.91 11.30 -34.90
C VAL A 966 -37.90 11.29 -33.38
N ILE A 967 -39.07 11.38 -32.75
CA ILE A 967 -39.11 11.37 -31.28
C ILE A 967 -38.64 10.02 -30.74
N ILE A 968 -39.11 8.93 -31.35
CA ILE A 968 -38.68 7.61 -30.91
C ILE A 968 -37.19 7.43 -31.17
N ARG A 969 -36.70 7.91 -32.31
CA ARG A 969 -35.28 7.81 -32.61
C ARG A 969 -34.46 8.58 -31.58
N PHE A 970 -34.92 9.78 -31.22
CA PHE A 970 -34.21 10.56 -30.20
C PHE A 970 -34.24 9.85 -28.86
N ALA A 971 -35.37 9.23 -28.50
CA ALA A 971 -35.43 8.50 -27.25
C ALA A 971 -34.43 7.34 -27.24
N PHE A 972 -34.35 6.60 -28.35
CA PHE A 972 -33.40 5.50 -28.40
C PHE A 972 -31.97 6.00 -28.36
N GLN A 973 -31.68 7.11 -29.04
CA GLN A 973 -30.34 7.69 -28.97
C GLN A 973 -30.00 8.07 -27.54
N THR A 974 -30.92 8.72 -26.85
CA THR A 974 -30.67 9.12 -25.47
C THR A 974 -30.45 7.92 -24.57
N SER A 975 -31.25 6.87 -24.74
CA SER A 975 -31.09 5.68 -23.92
C SER A 975 -29.79 4.95 -24.22
N ILE A 976 -29.34 4.98 -25.47
CA ILE A 976 -28.07 4.36 -25.81
C ILE A 976 -26.92 5.14 -25.19
N THR A 977 -26.95 6.47 -25.33
CA THR A 977 -25.83 7.27 -24.83
C THR A 977 -25.82 7.37 -23.32
N VAL A 978 -26.95 7.17 -22.65
CA VAL A 978 -26.97 7.27 -21.19
C VAL A 978 -26.20 6.10 -20.56
N LEU A 979 -26.36 4.90 -21.10
CA LEU A 979 -25.62 3.76 -20.60
C LEU A 979 -24.29 3.58 -21.31
N CYS A 980 -24.07 4.25 -22.44
CA CYS A 980 -22.75 4.25 -23.06
C CYS A 980 -21.83 5.28 -22.44
N ILE A 981 -22.34 6.14 -21.57
CA ILE A 981 -21.50 7.15 -20.92
C ILE A 981 -21.09 6.73 -19.51
N ALA A 982 -21.76 5.74 -18.93
CA ALA A 982 -21.40 5.27 -17.61
C ALA A 982 -20.00 4.66 -17.63
N SER A 983 -19.28 4.82 -16.52
CA SER A 983 -17.90 4.34 -16.38
C SER A 983 -17.80 3.54 -15.10
N PRO A 984 -18.40 2.34 -15.05
CA PRO A 984 -18.25 1.50 -13.85
C PRO A 984 -16.80 1.19 -13.55
N SER A 985 -15.98 1.02 -14.58
CA SER A 985 -14.56 0.76 -14.37
C SER A 985 -13.91 1.92 -13.63
N SER A 986 -14.26 3.16 -13.98
CA SER A 986 -13.67 4.31 -13.32
C SER A 986 -13.96 4.28 -11.82
N LEU A 987 -15.22 4.10 -11.46
CA LEU A 987 -15.57 4.05 -10.04
C LEU A 987 -14.89 2.88 -9.35
N GLY A 988 -14.85 1.73 -10.02
CA GLY A 988 -14.24 0.56 -9.40
C GLY A 988 -12.77 0.73 -9.12
N LEU A 989 -12.03 1.30 -10.07
CA LEU A 989 -10.59 1.42 -9.97
C LEU A 989 -10.13 2.79 -9.47
N ALA A 990 -11.05 3.66 -9.06
CA ALA A 990 -10.64 4.94 -8.50
C ALA A 990 -9.75 4.76 -7.27
N THR A 991 -10.23 3.99 -6.29
CA THR A 991 -9.52 3.85 -5.03
C THR A 991 -8.39 2.83 -5.08
N PRO A 992 -8.58 1.63 -5.63
CA PRO A 992 -7.51 0.63 -5.51
C PRO A 992 -6.22 1.05 -6.17
N THR A 993 -6.30 1.74 -7.32
CA THR A 993 -5.09 2.17 -7.99
C THR A 993 -4.39 3.27 -7.21
N ALA A 994 -5.14 4.19 -6.62
CA ALA A 994 -4.53 5.20 -5.78
C ALA A 994 -3.84 4.58 -4.58
N VAL A 995 -4.47 3.58 -3.96
CA VAL A 995 -3.83 2.87 -2.86
C VAL A 995 -2.55 2.20 -3.33
N MET A 996 -2.60 1.54 -4.48
CA MET A 996 -1.42 0.85 -5.00
C MET A 996 -0.29 1.83 -5.24
N VAL A 997 -0.59 2.98 -5.84
CA VAL A 997 0.47 3.95 -6.15
C VAL A 997 1.03 4.56 -4.88
N GLY A 998 0.16 4.86 -3.91
CA GLY A 998 0.65 5.39 -2.65
C GLY A 998 1.55 4.42 -1.94
N THR A 999 1.15 3.15 -1.88
CA THR A 999 1.99 2.13 -1.27
C THR A 999 3.31 1.97 -2.03
N GLY A 1000 3.25 2.03 -3.36
CA GLY A 1000 4.47 1.89 -4.14
C GLY A 1000 5.45 3.03 -3.89
N VAL A 1001 4.95 4.27 -3.87
CA VAL A 1001 5.83 5.40 -3.59
C VAL A 1001 6.38 5.32 -2.17
N ALA A 1002 5.54 4.89 -1.22
CA ALA A 1002 6.02 4.72 0.15
C ALA A 1002 7.14 3.70 0.20
N ALA A 1003 6.95 2.55 -0.45
CA ALA A 1003 7.99 1.52 -0.44
C ALA A 1003 9.26 2.02 -1.11
N GLN A 1004 9.12 2.75 -2.21
CA GLN A 1004 10.30 3.30 -2.88
C GLN A 1004 11.06 4.26 -1.98
N ASN A 1005 10.40 4.83 -0.99
CA ASN A 1005 11.04 5.71 -0.01
C ASN A 1005 11.45 4.98 1.25
N GLY A 1006 11.31 3.65 1.29
CA GLY A 1006 11.62 2.87 2.45
C GLY A 1006 10.46 2.63 3.39
N ILE A 1007 9.38 3.39 3.24
CA ILE A 1007 8.22 3.24 4.10
C ILE A 1007 7.38 2.08 3.60
N LEU A 1008 7.11 1.10 4.46
CA LEU A 1008 6.29 -0.05 4.13
C LEU A 1008 4.99 0.09 4.92
N ILE A 1009 3.98 0.70 4.30
CA ILE A 1009 2.68 0.89 4.95
C ILE A 1009 1.86 -0.36 4.65
N LYS A 1010 2.07 -1.38 5.48
CA LYS A 1010 1.35 -2.63 5.29
C LYS A 1010 -0.14 -2.42 5.50
N GLY A 1011 -0.94 -3.05 4.66
CA GLY A 1011 -2.38 -2.90 4.72
C GLY A 1011 -2.85 -1.58 4.17
N GLY A 1012 -4.04 -1.56 3.58
CA GLY A 1012 -4.64 -0.31 3.14
C GLY A 1012 -5.33 0.46 4.25
N LYS A 1013 -5.64 -0.19 5.37
CA LYS A 1013 -6.32 0.50 6.46
C LYS A 1013 -5.51 1.67 7.00
N PRO A 1014 -4.21 1.54 7.29
CA PRO A 1014 -3.48 2.68 7.84
C PRO A 1014 -3.45 3.89 6.93
N LEU A 1015 -3.67 3.71 5.62
CA LEU A 1015 -3.68 4.85 4.72
C LEU A 1015 -4.70 5.89 5.18
N GLU A 1016 -5.95 5.46 5.39
CA GLU A 1016 -7.01 6.37 5.82
C GLU A 1016 -7.03 6.53 7.32
N MET A 1017 -6.67 5.48 8.06
CA MET A 1017 -6.65 5.55 9.50
C MET A 1017 -5.56 6.48 10.01
N ALA A 1018 -4.54 6.76 9.19
CA ALA A 1018 -3.57 7.78 9.55
C ALA A 1018 -4.11 9.19 9.31
N HIS A 1019 -5.15 9.33 8.51
CA HIS A 1019 -5.77 10.64 8.30
C HIS A 1019 -6.34 11.17 9.61
N LYS A 1020 -6.95 10.30 10.41
CA LYS A 1020 -7.67 10.71 11.61
C LYS A 1020 -6.80 10.71 12.87
N ILE A 1021 -5.52 10.36 12.76
CA ILE A 1021 -4.66 10.33 13.94
C ILE A 1021 -4.58 11.73 14.54
N LYS A 1022 -4.62 11.79 15.86
CA LYS A 1022 -4.51 13.05 16.58
C LYS A 1022 -3.53 12.97 17.76
N THR A 1023 -2.84 11.85 17.94
CA THR A 1023 -1.85 11.72 18.99
C THR A 1023 -0.88 10.62 18.61
N VAL A 1024 0.41 10.84 18.88
CA VAL A 1024 1.45 9.89 18.54
C VAL A 1024 2.23 9.54 19.80
N MET A 1025 2.44 8.25 20.04
CA MET A 1025 3.06 7.74 21.25
C MET A 1025 4.48 7.33 20.91
N PHE A 1026 5.45 8.13 21.33
CA PHE A 1026 6.86 7.87 21.05
C PHE A 1026 7.46 7.01 22.16
N ALA A 1027 8.21 5.99 21.75
CA ALA A 1027 9.02 5.22 22.68
C ALA A 1027 10.40 5.87 22.83
N LYS A 1028 11.02 5.65 23.98
CA LYS A 1028 12.27 6.32 24.30
C LYS A 1028 13.47 5.57 23.71
N THR A 1029 13.66 4.32 24.12
CA THR A 1029 14.81 3.55 23.68
C THR A 1029 14.54 2.94 22.32
N GLY A 1030 15.49 3.11 21.39
CA GLY A 1030 15.40 2.57 20.07
C GLY A 1030 14.69 3.46 19.07
N THR A 1031 13.87 4.41 19.54
CA THR A 1031 13.19 5.36 18.66
C THR A 1031 13.69 6.78 18.88
N ILE A 1032 13.58 7.31 20.09
CA ILE A 1032 14.10 8.64 20.36
C ILE A 1032 15.62 8.61 20.46
N THR A 1033 16.15 7.62 21.17
CA THR A 1033 17.59 7.41 21.24
C THR A 1033 18.04 6.43 20.17
N HIS A 1034 19.33 6.49 19.83
CA HIS A 1034 19.86 5.61 18.81
C HIS A 1034 19.78 4.15 19.20
N GLY A 1035 19.57 3.84 20.48
CA GLY A 1035 19.53 2.48 20.94
C GLY A 1035 20.88 1.87 21.21
N VAL A 1036 21.92 2.69 21.37
CA VAL A 1036 23.28 2.20 21.63
C VAL A 1036 23.80 2.92 22.86
N PRO A 1037 23.25 2.65 24.05
CA PRO A 1037 23.68 3.37 25.25
C PRO A 1037 25.16 3.14 25.53
N ARG A 1038 25.78 4.17 26.11
CA ARG A 1038 27.21 4.16 26.41
C ARG A 1038 27.42 4.63 27.84
N VAL A 1039 28.39 4.05 28.52
CA VAL A 1039 28.62 4.32 29.94
C VAL A 1039 29.40 5.62 30.08
N MET A 1040 28.83 6.57 30.81
CA MET A 1040 29.47 7.88 30.96
C MET A 1040 30.56 7.87 32.02
N ARG A 1041 30.19 7.58 33.27
CA ARG A 1041 31.18 7.56 34.34
C ARG A 1041 30.67 6.69 35.48
N VAL A 1042 31.60 6.29 36.35
CA VAL A 1042 31.33 5.35 37.42
C VAL A 1042 31.36 6.10 38.74
N LEU A 1043 30.41 5.80 39.62
CA LEU A 1043 30.36 6.34 40.96
C LEU A 1043 30.57 5.23 41.97
N LEU A 1044 31.40 5.51 42.97
CA LEU A 1044 31.68 4.57 44.07
C LEU A 1044 31.20 5.19 45.37
N LEU A 1045 30.44 4.42 46.14
CA LEU A 1045 29.85 4.90 47.38
C LEU A 1045 30.26 4.10 48.60
N GLY A 1046 30.33 2.78 48.49
CA GLY A 1046 30.61 1.92 49.63
C GLY A 1046 32.09 1.75 49.88
N ASP A 1047 32.45 0.57 50.38
CA ASP A 1047 33.83 0.27 50.70
C ASP A 1047 34.68 0.27 49.43
N VAL A 1048 35.98 0.50 49.61
CA VAL A 1048 36.94 0.51 48.51
C VAL A 1048 37.97 -0.61 48.67
N ALA A 1049 38.43 -0.85 49.89
CA ALA A 1049 39.45 -1.88 50.12
C ALA A 1049 38.94 -3.25 49.67
N THR A 1050 37.87 -3.73 50.30
CA THR A 1050 37.30 -5.03 49.95
C THR A 1050 36.48 -4.99 48.67
N LEU A 1051 36.22 -3.80 48.12
CA LEU A 1051 35.44 -3.64 46.89
C LEU A 1051 36.20 -2.74 45.93
N PRO A 1052 37.37 -3.18 45.46
CA PRO A 1052 38.12 -2.37 44.50
C PRO A 1052 37.33 -2.14 43.22
N LEU A 1053 37.58 -0.99 42.59
CA LEU A 1053 36.82 -0.59 41.41
C LEU A 1053 36.82 -1.68 40.35
N ARG A 1054 38.00 -2.17 39.99
CA ARG A 1054 38.09 -3.17 38.93
C ARG A 1054 37.29 -4.42 39.29
N LYS A 1055 37.38 -4.86 40.55
CA LYS A 1055 36.67 -6.07 40.95
C LYS A 1055 35.16 -5.87 40.86
N VAL A 1056 34.66 -4.72 41.31
CA VAL A 1056 33.22 -4.50 41.29
C VAL A 1056 32.70 -4.41 39.86
N LEU A 1057 33.42 -3.70 39.00
CA LEU A 1057 33.01 -3.67 37.59
C LEU A 1057 33.07 -5.07 36.97
N ALA A 1058 34.11 -5.84 37.28
CA ALA A 1058 34.21 -7.19 36.72
C ALA A 1058 33.04 -8.05 37.17
N VAL A 1059 32.73 -8.04 38.46
CA VAL A 1059 31.67 -8.91 38.99
C VAL A 1059 30.31 -8.47 38.44
N VAL A 1060 30.04 -7.17 38.40
CA VAL A 1060 28.76 -6.72 37.88
C VAL A 1060 28.64 -7.10 36.40
N GLY A 1061 29.70 -6.88 35.62
CA GLY A 1061 29.64 -7.21 34.21
C GLY A 1061 29.39 -8.68 33.96
N THR A 1062 30.13 -9.55 34.66
CA THR A 1062 29.90 -10.98 34.49
C THR A 1062 28.51 -11.38 34.95
N ALA A 1063 27.99 -10.72 35.99
CA ALA A 1063 26.65 -11.02 36.45
C ALA A 1063 25.61 -10.71 35.39
N GLU A 1064 25.64 -9.50 34.85
CA GLU A 1064 24.67 -9.07 33.86
C GLU A 1064 25.03 -9.49 32.44
N ALA A 1065 25.99 -10.40 32.30
CA ALA A 1065 26.32 -10.90 30.97
C ALA A 1065 25.14 -11.64 30.35
N SER A 1066 24.42 -12.42 31.16
CA SER A 1066 23.27 -13.15 30.64
C SER A 1066 22.17 -12.22 30.16
N SER A 1067 22.17 -10.97 30.63
CA SER A 1067 21.14 -10.02 30.23
C SER A 1067 21.23 -9.71 28.74
N GLU A 1068 20.07 -9.51 28.13
CA GLU A 1068 19.98 -9.11 26.73
C GLU A 1068 19.40 -7.72 26.56
N HIS A 1069 19.28 -6.96 27.65
CA HIS A 1069 18.86 -5.58 27.55
C HIS A 1069 19.95 -4.76 26.85
N PRO A 1070 19.56 -3.79 26.00
CA PRO A 1070 20.60 -3.02 25.30
C PRO A 1070 21.60 -2.36 26.23
N LEU A 1071 21.16 -1.83 27.37
CA LEU A 1071 22.11 -1.25 28.30
C LEU A 1071 22.95 -2.33 28.97
N GLY A 1072 22.38 -3.51 29.18
CA GLY A 1072 23.16 -4.61 29.72
C GLY A 1072 24.31 -5.01 28.81
N VAL A 1073 24.01 -5.18 27.52
CA VAL A 1073 25.07 -5.51 26.57
C VAL A 1073 26.07 -4.37 26.47
N ALA A 1074 25.58 -3.13 26.51
CA ALA A 1074 26.48 -1.99 26.45
C ALA A 1074 27.47 -2.01 27.61
N VAL A 1075 26.98 -2.25 28.83
CA VAL A 1075 27.88 -2.27 29.98
C VAL A 1075 28.79 -3.48 29.92
N THR A 1076 28.32 -4.63 29.42
CA THR A 1076 29.21 -5.77 29.25
C THR A 1076 30.40 -5.41 28.37
N LYS A 1077 30.12 -4.83 27.20
CA LYS A 1077 31.21 -4.45 26.30
C LYS A 1077 32.10 -3.40 26.93
N TYR A 1078 31.52 -2.42 27.63
CA TYR A 1078 32.33 -1.38 28.26
C TYR A 1078 33.28 -1.97 29.28
N CYS A 1079 32.77 -2.84 30.16
CA CYS A 1079 33.62 -3.46 31.17
C CYS A 1079 34.68 -4.33 30.54
N LYS A 1080 34.32 -5.12 29.53
CA LYS A 1080 35.30 -5.98 28.88
C LYS A 1080 36.41 -5.17 28.23
N GLU A 1081 36.05 -4.06 27.57
CA GLU A 1081 37.06 -3.27 26.87
C GLU A 1081 37.92 -2.45 27.83
N GLU A 1082 37.37 -2.03 28.97
CA GLU A 1082 38.16 -1.24 29.91
C GLU A 1082 38.82 -2.10 30.99
N LEU A 1083 38.61 -3.42 30.96
CA LEU A 1083 39.44 -4.34 31.73
C LEU A 1083 40.42 -5.12 30.87
N GLY A 1084 40.08 -5.36 29.61
CA GLY A 1084 40.87 -6.21 28.76
C GLY A 1084 40.63 -7.70 28.96
N THR A 1085 39.69 -8.08 29.82
CA THR A 1085 39.41 -9.47 30.14
C THR A 1085 38.06 -9.82 29.53
N GLU A 1086 38.10 -10.50 28.38
CA GLU A 1086 36.85 -10.90 27.71
C GLU A 1086 36.15 -12.03 28.43
N THR A 1087 36.89 -12.88 29.16
CA THR A 1087 36.28 -13.98 29.88
C THR A 1087 35.49 -13.46 31.08
N LEU A 1088 34.61 -14.31 31.59
CA LEU A 1088 33.78 -13.97 32.73
C LEU A 1088 33.45 -15.23 33.52
N GLY A 1089 33.13 -15.04 34.80
CA GLY A 1089 32.88 -16.14 35.71
C GLY A 1089 31.55 -16.82 35.46
N TYR A 1090 31.03 -17.45 36.50
CA TYR A 1090 29.78 -18.20 36.44
C TYR A 1090 28.64 -17.37 37.01
N CYS A 1091 27.43 -17.71 36.61
CA CYS A 1091 26.22 -17.06 37.09
C CYS A 1091 25.21 -18.10 37.56
N THR A 1092 24.58 -17.84 38.69
CA THR A 1092 23.58 -18.72 39.25
C THR A 1092 22.46 -17.90 39.87
N ASP A 1093 21.25 -18.46 39.88
CA ASP A 1093 20.08 -17.81 40.46
C ASP A 1093 19.82 -16.47 39.78
N PHE A 1094 19.54 -16.53 38.48
CA PHE A 1094 19.34 -15.34 37.67
C PHE A 1094 17.86 -15.15 37.39
N GLN A 1095 17.37 -13.92 37.60
CA GLN A 1095 16.01 -13.56 37.28
C GLN A 1095 16.01 -12.13 36.71
N ALA A 1096 14.99 -11.83 35.92
CA ALA A 1096 14.87 -10.52 35.27
C ALA A 1096 13.40 -10.09 35.30
N VAL A 1097 13.02 -9.32 36.31
CA VAL A 1097 11.68 -8.78 36.40
C VAL A 1097 11.59 -7.62 35.40
N PRO A 1098 10.66 -7.64 34.45
CA PRO A 1098 10.60 -6.55 33.47
C PRO A 1098 10.37 -5.21 34.15
N GLY A 1099 11.10 -4.19 33.69
CA GLY A 1099 10.89 -2.83 34.14
C GLY A 1099 11.37 -2.52 35.53
N CYS A 1100 11.96 -3.49 36.24
CA CYS A 1100 12.42 -3.30 37.61
C CYS A 1100 13.92 -3.40 37.73
N GLY A 1101 14.53 -4.41 37.11
CA GLY A 1101 15.96 -4.57 37.14
C GLY A 1101 16.32 -6.04 37.01
N ILE A 1102 17.46 -6.39 37.61
CA ILE A 1102 17.98 -7.75 37.59
C ILE A 1102 18.73 -8.01 38.89
N GLY A 1103 19.13 -9.27 39.06
CA GLY A 1103 19.93 -9.67 40.20
C GLY A 1103 20.28 -11.13 40.10
N CYS A 1104 21.47 -11.52 40.56
CA CYS A 1104 21.90 -12.90 40.44
C CYS A 1104 23.12 -13.11 41.33
N LYS A 1105 23.59 -14.36 41.36
CA LYS A 1105 24.72 -14.79 42.17
C LYS A 1105 25.84 -15.20 41.23
N VAL A 1106 27.02 -14.59 41.39
CA VAL A 1106 28.18 -14.87 40.56
C VAL A 1106 29.22 -15.57 41.40
N SER A 1107 29.79 -16.65 40.86
CA SER A 1107 30.91 -17.36 41.45
C SER A 1107 32.12 -17.27 40.51
N ASN A 1108 33.22 -17.89 40.92
CA ASN A 1108 34.46 -17.85 40.16
C ASN A 1108 34.88 -16.40 39.87
N VAL A 1109 34.75 -15.54 40.89
CA VAL A 1109 35.15 -14.15 40.73
C VAL A 1109 36.64 -14.04 40.45
N GLU A 1110 37.42 -15.02 40.90
CA GLU A 1110 38.87 -14.98 40.74
C GLU A 1110 39.31 -15.08 39.29
N GLY A 1111 38.42 -15.47 38.38
CA GLY A 1111 38.80 -15.59 36.97
C GLY A 1111 39.32 -14.29 36.39
N ILE A 1112 38.69 -13.17 36.75
CA ILE A 1112 39.08 -11.86 36.23
C ILE A 1112 39.91 -11.14 37.28
N LEU A 1113 39.69 -11.47 38.56
CA LEU A 1113 40.44 -10.82 39.62
C LEU A 1113 41.93 -11.11 39.55
N ALA A 1114 42.33 -12.16 38.83
CA ALA A 1114 43.74 -12.50 38.72
C ALA A 1114 44.53 -11.39 38.05
N HIS A 1115 43.88 -10.59 37.21
CA HIS A 1115 44.54 -9.49 36.52
C HIS A 1115 44.97 -8.42 37.51
N PHE A 1144 28.11 -13.34 46.57
CA PHE A 1144 28.16 -12.18 45.68
C PHE A 1144 26.83 -12.00 44.96
N SER A 1145 25.74 -11.99 45.74
CA SER A 1145 24.40 -11.81 45.19
C SER A 1145 24.24 -10.35 44.77
N VAL A 1146 24.36 -10.09 43.47
CA VAL A 1146 24.31 -8.73 42.96
C VAL A 1146 22.85 -8.36 42.70
N LEU A 1147 22.55 -7.08 42.93
CA LEU A 1147 21.23 -6.53 42.66
C LEU A 1147 21.42 -5.24 41.87
N ILE A 1148 20.88 -5.21 40.64
CA ILE A 1148 20.97 -4.02 39.79
C ILE A 1148 19.58 -3.76 39.22
N GLY A 1149 19.14 -2.51 39.29
CA GLY A 1149 17.82 -2.16 38.82
C GLY A 1149 17.44 -0.76 39.24
N ASN A 1150 16.15 -0.47 39.10
CA ASN A 1150 15.61 0.82 39.49
C ASN A 1150 15.35 0.85 40.99
N ARG A 1151 15.03 2.05 41.49
CA ARG A 1151 14.80 2.22 42.93
C ARG A 1151 13.72 1.29 43.45
N GLU A 1152 12.71 0.99 42.61
CA GLU A 1152 11.64 0.11 43.06
C GLU A 1152 12.18 -1.26 43.44
N TRP A 1153 13.22 -1.73 42.75
CA TRP A 1153 13.83 -3.00 43.12
C TRP A 1153 14.42 -2.95 44.52
N LEU A 1154 15.12 -1.86 44.86
CA LEU A 1154 15.71 -1.75 46.18
C LEU A 1154 14.65 -1.64 47.26
N ARG A 1155 13.68 -0.75 47.08
CA ARG A 1155 12.65 -0.59 48.10
C ARG A 1155 11.86 -1.88 48.28
N ARG A 1156 11.56 -2.58 47.18
CA ARG A 1156 10.87 -3.86 47.29
C ARG A 1156 11.73 -4.89 48.02
N ASN A 1157 13.02 -4.91 47.73
CA ASN A 1157 13.93 -5.89 48.31
C ASN A 1157 14.46 -5.46 49.69
N GLY A 1158 13.79 -4.50 50.33
CA GLY A 1158 14.25 -4.05 51.64
C GLY A 1158 15.62 -3.42 51.62
N LEU A 1159 15.98 -2.74 50.54
CA LEU A 1159 17.26 -2.06 50.41
C LEU A 1159 17.00 -0.56 50.49
N THR A 1160 17.30 0.04 51.63
CA THR A 1160 17.07 1.47 51.81
C THR A 1160 17.92 2.27 50.85
N ILE A 1161 17.33 3.34 50.30
CA ILE A 1161 18.03 4.26 49.41
C ILE A 1161 18.20 5.56 50.18
N SER A 1162 19.44 5.88 50.54
CA SER A 1162 19.69 7.09 51.30
C SER A 1162 19.44 8.33 50.46
N SER A 1163 19.19 9.45 51.13
CA SER A 1163 18.94 10.70 50.43
C SER A 1163 20.17 11.15 49.66
N ASP A 1164 21.36 10.97 50.24
CA ASP A 1164 22.59 11.43 49.59
C ASP A 1164 22.79 10.73 48.25
N VAL A 1165 22.60 9.41 48.22
CA VAL A 1165 22.71 8.68 46.95
C VAL A 1165 21.51 9.00 46.07
N SER A 1166 20.32 9.09 46.66
CA SER A 1166 19.13 9.43 45.88
C SER A 1166 19.34 10.72 45.10
N ASP A 1167 19.95 11.72 45.74
CA ASP A 1167 20.30 12.95 45.05
C ASP A 1167 21.54 12.82 44.19
N ALA A 1168 22.34 11.76 44.38
CA ALA A 1168 23.58 11.63 43.65
C ALA A 1168 23.34 11.51 42.15
N MET A 1169 22.36 10.71 41.75
CA MET A 1169 22.07 10.51 40.34
C MET A 1169 21.10 11.54 39.78
N THR A 1170 20.46 12.35 40.64
CA THR A 1170 19.57 13.39 40.15
C THR A 1170 20.28 14.28 39.14
N ASP A 1171 21.57 14.57 39.38
CA ASP A 1171 22.32 15.38 38.43
C ASP A 1171 22.35 14.72 37.06
N HIS A 1172 22.56 13.40 37.02
CA HIS A 1172 22.55 12.69 35.74
C HIS A 1172 21.16 12.75 35.10
N GLU A 1173 20.12 12.40 35.86
CA GLU A 1173 18.79 12.36 35.28
C GLU A 1173 18.38 13.73 34.73
N MET A 1174 18.84 14.81 35.38
CA MET A 1174 18.52 16.15 34.89
C MET A 1174 19.12 16.41 33.52
N LYS A 1175 20.12 15.65 33.10
CA LYS A 1175 20.73 15.81 31.79
C LYS A 1175 20.22 14.78 30.78
N GLY A 1176 19.05 14.20 31.02
CA GLY A 1176 18.47 13.27 30.08
C GLY A 1176 19.33 12.07 29.79
N GLN A 1177 19.99 11.53 30.82
CA GLN A 1177 20.84 10.36 30.68
C GLN A 1177 20.45 9.34 31.74
N THR A 1178 20.02 8.17 31.29
CA THR A 1178 19.59 7.13 32.21
C THR A 1178 20.77 6.68 33.08
N ALA A 1179 20.46 6.36 34.34
CA ALA A 1179 21.46 5.94 35.30
C ALA A 1179 20.98 4.69 36.03
N ILE A 1180 21.92 3.79 36.29
CA ILE A 1180 21.63 2.53 36.98
C ILE A 1180 22.55 2.43 38.19
N LEU A 1181 21.96 2.09 39.34
CA LEU A 1181 22.69 1.98 40.59
C LEU A 1181 23.47 0.66 40.63
N VAL A 1182 24.25 0.49 41.70
CA VAL A 1182 25.02 -0.73 41.92
C VAL A 1182 24.73 -1.23 43.33
N ALA A 1183 24.41 -2.52 43.45
CA ALA A 1183 24.20 -3.13 44.75
C ALA A 1183 24.64 -4.58 44.70
N ILE A 1184 25.51 -4.96 45.62
CA ILE A 1184 26.00 -6.34 45.74
C ILE A 1184 25.79 -6.80 47.17
N ASP A 1185 25.19 -7.99 47.32
CA ASP A 1185 24.98 -8.58 48.64
C ASP A 1185 24.23 -7.63 49.57
N GLY A 1186 23.41 -6.76 48.98
CA GLY A 1186 22.71 -5.75 49.76
C GLY A 1186 23.52 -4.51 50.07
N VAL A 1187 24.71 -4.37 49.49
CA VAL A 1187 25.58 -3.22 49.72
C VAL A 1187 25.55 -2.35 48.48
N LEU A 1188 25.04 -1.13 48.62
CA LEU A 1188 24.95 -0.18 47.52
C LEU A 1188 26.34 0.41 47.27
N CYS A 1189 27.14 -0.34 46.52
CA CYS A 1189 28.52 0.07 46.29
C CYS A 1189 28.61 1.40 45.55
N GLY A 1190 27.80 1.58 44.51
CA GLY A 1190 27.89 2.78 43.72
C GLY A 1190 26.79 2.87 42.69
N MET A 1191 27.01 3.70 41.69
CA MET A 1191 26.03 3.95 40.65
C MET A 1191 26.74 4.02 39.30
N ILE A 1192 25.99 3.70 38.24
CA ILE A 1192 26.51 3.69 36.88
C ILE A 1192 25.58 4.51 36.00
N ALA A 1193 26.17 5.39 35.19
CA ALA A 1193 25.40 6.26 34.31
C ALA A 1193 25.49 5.70 32.89
N ILE A 1194 24.37 5.16 32.40
CA ILE A 1194 24.31 4.52 31.08
C ILE A 1194 23.22 5.22 30.28
N ALA A 1195 23.61 5.86 29.18
CA ALA A 1195 22.66 6.64 28.39
C ALA A 1195 23.15 6.74 26.96
N ASP A 1196 22.22 7.10 26.08
CA ASP A 1196 22.50 7.32 24.67
C ASP A 1196 21.93 8.66 24.25
N ALA A 1197 22.68 9.38 23.41
CA ALA A 1197 22.23 10.69 22.98
C ALA A 1197 20.97 10.58 22.13
N VAL A 1198 20.04 11.51 22.35
CA VAL A 1198 18.83 11.55 21.54
C VAL A 1198 19.21 11.84 20.09
N LYS A 1199 18.43 11.28 19.17
CA LYS A 1199 18.65 11.54 17.75
C LYS A 1199 18.51 13.03 17.48
N GLN A 1200 19.49 13.59 16.77
CA GLN A 1200 19.50 15.03 16.52
C GLN A 1200 18.27 15.48 15.73
N GLU A 1201 17.75 14.61 14.86
CA GLU A 1201 16.60 14.94 14.05
C GLU A 1201 15.29 14.84 14.82
N ALA A 1202 15.32 14.34 16.05
CA ALA A 1202 14.08 14.14 16.80
C ALA A 1202 13.35 15.46 17.02
N ALA A 1203 14.08 16.52 17.35
CA ALA A 1203 13.44 17.80 17.65
C ALA A 1203 12.65 18.31 16.45
N LEU A 1204 13.27 18.34 15.28
CA LEU A 1204 12.59 18.85 14.10
C LEU A 1204 11.38 17.98 13.76
N ALA A 1205 11.55 16.65 13.81
CA ALA A 1205 10.46 15.76 13.47
C ALA A 1205 9.27 15.97 14.40
N VAL A 1206 9.53 16.07 15.71
CA VAL A 1206 8.44 16.19 16.66
C VAL A 1206 7.78 17.56 16.54
N HIS A 1207 8.57 18.61 16.30
CA HIS A 1207 7.98 19.93 16.13
C HIS A 1207 7.08 19.96 14.90
N THR A 1208 7.52 19.36 13.81
CA THR A 1208 6.66 19.27 12.62
C THR A 1208 5.41 18.45 12.92
N LEU A 1209 5.57 17.34 13.63
CA LEU A 1209 4.43 16.48 13.91
C LEU A 1209 3.37 17.20 14.73
N GLN A 1210 3.81 17.95 15.76
CA GLN A 1210 2.85 18.67 16.58
C GLN A 1210 2.32 19.90 15.88
N SER A 1211 3.10 20.50 14.98
CA SER A 1211 2.57 21.58 14.16
C SER A 1211 1.57 21.06 13.13
N MET A 1212 1.78 19.84 12.65
CA MET A 1212 0.85 19.26 11.68
C MET A 1212 -0.54 19.07 12.28
N GLY A 1213 -0.67 19.12 13.60
CA GLY A 1213 -1.95 18.94 14.24
C GLY A 1213 -2.12 17.56 14.83
N VAL A 1214 -1.06 17.04 15.45
CA VAL A 1214 -1.07 15.73 16.09
C VAL A 1214 -0.37 15.84 17.43
N ASP A 1215 -1.02 15.38 18.49
CA ASP A 1215 -0.38 15.38 19.80
C ASP A 1215 0.77 14.38 19.82
N VAL A 1216 1.73 14.61 20.70
CA VAL A 1216 2.90 13.75 20.84
C VAL A 1216 3.11 13.46 22.31
N VAL A 1217 3.31 12.19 22.64
CA VAL A 1217 3.53 11.74 24.01
C VAL A 1217 4.62 10.68 23.99
N LEU A 1218 5.47 10.71 25.01
CA LEU A 1218 6.60 9.78 25.12
C LEU A 1218 6.26 8.71 26.16
N ILE A 1219 6.45 7.45 25.78
CA ILE A 1219 6.23 6.32 26.65
C ILE A 1219 7.57 5.70 27.01
N THR A 1220 7.80 5.47 28.30
CA THR A 1220 9.07 4.94 28.76
C THR A 1220 8.88 4.25 30.10
N GLY A 1221 9.78 3.32 30.40
CA GLY A 1221 9.82 2.63 31.66
C GLY A 1221 10.89 3.10 32.62
N ASP A 1222 11.60 4.17 32.29
CA ASP A 1222 12.70 4.63 33.12
C ASP A 1222 12.19 5.61 34.17
N ASN A 1223 13.13 6.20 34.91
CA ASN A 1223 12.76 7.09 36.00
C ASN A 1223 12.04 8.33 35.46
N ARG A 1224 11.20 8.91 36.31
CA ARG A 1224 10.41 10.07 35.89
C ARG A 1224 11.31 11.27 35.60
N LYS A 1225 12.39 11.43 36.37
CA LYS A 1225 13.31 12.54 36.10
C LYS A 1225 13.97 12.39 34.74
N THR A 1226 14.36 11.16 34.39
CA THR A 1226 14.97 10.94 33.08
C THR A 1226 14.00 11.28 31.95
N ALA A 1227 12.74 10.86 32.09
CA ALA A 1227 11.75 11.20 31.07
C ALA A 1227 11.52 12.71 31.02
N ARG A 1228 11.50 13.36 32.17
CA ARG A 1228 11.33 14.80 32.20
C ARG A 1228 12.48 15.50 31.46
N ALA A 1229 13.71 15.06 31.71
CA ALA A 1229 14.86 15.69 31.07
C ALA A 1229 14.89 15.41 29.56
N ILE A 1230 14.66 14.17 29.17
CA ILE A 1230 14.76 13.82 27.75
C ILE A 1230 13.67 14.53 26.95
N ALA A 1231 12.47 14.63 27.52
CA ALA A 1231 11.40 15.35 26.84
C ALA A 1231 11.81 16.79 26.56
N THR A 1232 12.68 17.37 27.39
CA THR A 1232 13.14 18.73 27.16
C THR A 1232 13.89 18.82 25.83
N GLN A 1233 14.79 17.87 25.56
CA GLN A 1233 15.52 17.89 24.31
C GLN A 1233 14.59 17.78 23.10
N VAL A 1234 13.39 17.27 23.29
CA VAL A 1234 12.43 17.10 22.21
C VAL A 1234 11.13 17.85 22.43
N GLY A 1235 10.89 18.38 23.62
CA GLY A 1235 9.71 19.18 23.85
C GLY A 1235 8.42 18.41 23.75
N ILE A 1236 8.16 17.50 24.68
CA ILE A 1236 6.93 16.73 24.72
C ILE A 1236 6.13 17.20 25.94
N ASN A 1237 4.88 17.62 25.71
CA ASN A 1237 4.08 18.15 26.80
C ASN A 1237 3.80 17.11 27.87
N LYS A 1238 3.44 15.89 27.46
CA LYS A 1238 3.06 14.83 28.38
C LYS A 1238 3.90 13.60 28.13
N VAL A 1239 4.22 12.88 29.20
CA VAL A 1239 5.01 11.65 29.13
C VAL A 1239 4.43 10.67 30.15
N PHE A 1240 4.85 9.41 30.02
CA PHE A 1240 4.42 8.33 30.91
C PHE A 1240 5.66 7.55 31.31
N ALA A 1241 6.24 7.91 32.45
CA ALA A 1241 7.44 7.27 32.95
C ALA A 1241 7.10 6.20 33.98
N GLU A 1242 8.13 5.44 34.37
CA GLU A 1242 7.96 4.29 35.26
C GLU A 1242 6.82 3.39 34.77
N VAL A 1243 6.72 3.24 33.46
CA VAL A 1243 5.73 2.37 32.84
C VAL A 1243 6.46 1.08 32.50
N LEU A 1244 6.41 0.13 33.43
CA LEU A 1244 7.14 -1.12 33.25
C LEU A 1244 6.60 -1.88 32.04
N PRO A 1245 7.45 -2.65 31.35
CA PRO A 1245 6.97 -3.37 30.17
C PRO A 1245 5.85 -4.35 30.47
N SER A 1246 5.69 -4.76 31.73
CA SER A 1246 4.65 -5.72 32.06
C SER A 1246 3.28 -5.26 31.57
N HIS A 1247 2.88 -4.05 31.95
CA HIS A 1247 1.62 -3.51 31.45
C HIS A 1247 1.83 -2.87 30.08
N LYS A 1248 2.56 -1.75 30.05
CA LYS A 1248 3.06 -1.14 28.82
C LYS A 1248 1.95 -0.81 27.83
N VAL A 1249 0.70 -1.08 28.20
CA VAL A 1249 -0.44 -0.83 27.31
C VAL A 1249 -1.57 -0.09 27.99
N ALA A 1250 -1.67 -0.13 29.33
CA ALA A 1250 -2.75 0.57 30.00
C ALA A 1250 -2.82 2.02 29.56
N LYS A 1251 -1.66 2.68 29.43
CA LYS A 1251 -1.64 4.06 28.97
C LYS A 1251 -2.19 4.18 27.56
N VAL A 1252 -2.02 3.15 26.73
CA VAL A 1252 -2.60 3.17 25.39
C VAL A 1252 -4.12 3.34 25.49
N GLN A 1253 -4.78 2.53 26.32
CA GLN A 1253 -6.21 2.68 26.51
C GLN A 1253 -6.54 4.02 27.15
N GLU A 1254 -5.73 4.45 28.13
CA GLU A 1254 -5.98 5.73 28.79
C GLU A 1254 -6.05 6.86 27.75
N LEU A 1255 -5.21 6.79 26.73
CA LEU A 1255 -5.29 7.76 25.65
C LEU A 1255 -6.44 7.45 24.69
N GLN A 1256 -6.79 6.18 24.53
CA GLN A 1256 -7.86 5.79 23.61
C GLN A 1256 -9.24 6.08 24.18
N ASN A 1257 -9.43 5.88 25.49
CA ASN A 1257 -10.77 5.91 26.07
C ASN A 1257 -11.50 7.19 25.71
N LYS A 1258 -10.78 8.31 25.65
CA LYS A 1258 -11.40 9.58 25.26
C LYS A 1258 -11.82 9.58 23.79
N GLY A 1259 -11.39 8.60 23.01
CA GLY A 1259 -11.80 8.45 21.63
C GLY A 1259 -10.81 8.97 20.61
N LYS A 1260 -9.91 9.86 21.02
CA LYS A 1260 -8.93 10.39 20.08
C LYS A 1260 -8.05 9.27 19.56
N LYS A 1261 -7.87 9.25 18.24
CA LYS A 1261 -7.02 8.23 17.64
C LYS A 1261 -5.59 8.41 18.12
N VAL A 1262 -4.89 7.30 18.34
CA VAL A 1262 -3.53 7.32 18.85
C VAL A 1262 -2.68 6.37 18.01
N ALA A 1263 -1.45 6.81 17.71
CA ALA A 1263 -0.49 6.00 16.99
C ALA A 1263 0.79 5.90 17.82
N MET A 1264 1.44 4.74 17.77
CA MET A 1264 2.68 4.52 18.48
C MET A 1264 3.80 4.26 17.50
N VAL A 1265 5.01 4.66 17.87
CA VAL A 1265 6.19 4.39 17.06
C VAL A 1265 7.13 3.49 17.87
N GLY A 1266 6.97 2.18 17.71
CA GLY A 1266 7.64 1.21 18.54
C GLY A 1266 8.90 0.65 17.92
N ASP A 1267 9.32 -0.50 18.43
CA ASP A 1267 10.53 -1.18 17.99
C ASP A 1267 10.26 -2.49 17.28
N GLY A 1268 9.10 -3.11 17.50
CA GLY A 1268 8.78 -4.38 16.88
C GLY A 1268 8.67 -5.51 17.87
N VAL A 1269 9.58 -6.48 17.77
CA VAL A 1269 9.53 -7.63 18.67
C VAL A 1269 9.65 -7.18 20.12
N ASN A 1270 10.38 -6.09 20.37
CA ASN A 1270 10.60 -5.64 21.74
C ASN A 1270 9.29 -5.35 22.45
N ASP A 1271 8.38 -4.65 21.78
CA ASP A 1271 7.10 -4.27 22.38
C ASP A 1271 5.97 -4.47 21.38
N SER A 1272 5.97 -5.60 20.67
CA SER A 1272 4.96 -5.84 19.65
C SER A 1272 3.53 -5.76 20.20
N PRO A 1273 3.21 -6.32 21.37
CA PRO A 1273 1.83 -6.18 21.87
C PRO A 1273 1.35 -4.75 21.97
N ALA A 1274 2.21 -3.81 22.39
CA ALA A 1274 1.79 -2.43 22.50
C ALA A 1274 1.40 -1.87 21.14
N LEU A 1275 2.19 -2.16 20.11
CA LEU A 1275 1.83 -1.75 18.76
C LEU A 1275 0.53 -2.40 18.33
N ALA A 1276 0.35 -3.69 18.65
CA ALA A 1276 -0.88 -4.38 18.29
C ALA A 1276 -2.09 -3.65 18.86
N GLN A 1277 -2.06 -3.39 20.17
CA GLN A 1277 -3.14 -2.61 20.78
C GLN A 1277 -3.17 -1.19 20.25
N ALA A 1278 -1.99 -0.58 20.07
CA ALA A 1278 -1.93 0.74 19.48
C ALA A 1278 -2.56 0.69 18.09
N ASP A 1279 -3.37 1.71 17.79
CA ASP A 1279 -4.14 1.68 16.55
C ASP A 1279 -3.21 1.69 15.33
N MET A 1280 -2.30 2.65 15.27
CA MET A 1280 -1.34 2.78 14.16
C MET A 1280 0.06 2.67 14.76
N GLY A 1281 0.57 1.44 14.82
CA GLY A 1281 1.89 1.20 15.37
C GLY A 1281 2.94 1.04 14.30
N VAL A 1282 3.78 2.05 14.11
CA VAL A 1282 4.85 1.99 13.12
C VAL A 1282 6.11 1.50 13.82
N ALA A 1283 6.79 0.54 13.21
CA ALA A 1283 8.06 0.06 13.70
C ALA A 1283 9.17 0.90 13.09
N ILE A 1284 10.09 1.38 13.93
CA ILE A 1284 11.20 2.22 13.49
C ILE A 1284 12.47 1.38 13.54
N GLY A 1285 13.26 1.48 12.48
CA GLY A 1285 14.57 0.87 12.45
C GLY A 1285 14.59 -0.63 12.29
N THR A 1286 13.47 -1.24 11.90
CA THR A 1286 13.43 -2.69 11.73
C THR A 1286 14.00 -3.08 10.37
N GLY A 1287 15.20 -2.57 10.05
CA GLY A 1287 15.84 -2.91 8.80
C GLY A 1287 16.11 -4.39 8.67
N THR A 1288 15.76 -4.96 7.52
CA THR A 1288 15.98 -6.37 7.21
C THR A 1288 15.13 -7.30 8.07
N ASP A 1289 14.21 -6.76 8.86
CA ASP A 1289 13.35 -7.57 9.73
C ASP A 1289 11.92 -7.06 9.70
N VAL A 1290 11.43 -6.74 8.51
CA VAL A 1290 10.10 -6.16 8.36
C VAL A 1290 9.02 -7.18 8.66
N ALA A 1291 9.42 -8.42 8.97
CA ALA A 1291 8.45 -9.44 9.33
C ALA A 1291 7.87 -9.16 10.70
N ILE A 1292 7.06 -8.11 10.81
CA ILE A 1292 6.40 -7.72 12.04
C ILE A 1292 4.90 -7.82 11.82
N GLU A 1293 4.21 -8.51 12.72
CA GLU A 1293 2.78 -8.75 12.58
C GLU A 1293 1.96 -7.64 13.23
N ALA A 1294 2.29 -7.26 14.46
CA ALA A 1294 1.50 -6.29 15.19
C ALA A 1294 1.51 -4.94 14.47
N ALA A 1295 2.70 -4.45 14.12
CA ALA A 1295 2.81 -3.14 13.48
C ALA A 1295 2.10 -3.14 12.14
N ASP A 1296 1.23 -2.15 11.93
CA ASP A 1296 0.55 -1.97 10.66
C ASP A 1296 1.30 -1.03 9.73
N VAL A 1297 2.44 -0.51 10.15
CA VAL A 1297 3.31 0.28 9.29
C VAL A 1297 4.75 -0.03 9.68
N VAL A 1298 5.63 -0.06 8.69
CA VAL A 1298 7.02 -0.42 8.90
C VAL A 1298 7.90 0.59 8.21
N LEU A 1299 8.97 1.02 8.88
CA LEU A 1299 9.95 1.96 8.33
C LEU A 1299 11.28 1.23 8.26
N ILE A 1300 11.62 0.74 7.06
CA ILE A 1300 12.83 -0.06 6.88
C ILE A 1300 14.07 0.68 7.37
N ARG A 1301 14.03 2.00 7.41
CA ARG A 1301 15.15 2.82 7.83
C ARG A 1301 14.85 3.48 9.17
N ASN A 1302 15.86 3.51 10.05
CA ASN A 1302 15.73 4.14 11.36
C ASN A 1302 15.95 5.64 11.21
N ASP A 1303 14.93 6.32 10.69
CA ASP A 1303 14.97 7.76 10.46
C ASP A 1303 13.66 8.33 10.96
N LEU A 1304 13.70 9.09 12.05
CA LEU A 1304 12.47 9.60 12.65
C LEU A 1304 11.63 10.35 11.63
N LEU A 1305 12.27 11.09 10.73
CA LEU A 1305 11.50 11.83 9.74
C LEU A 1305 10.66 10.91 8.88
N ASP A 1306 10.98 9.61 8.82
CA ASP A 1306 10.10 8.68 8.12
C ASP A 1306 8.70 8.70 8.71
N VAL A 1307 8.57 8.89 10.02
CA VAL A 1307 7.24 8.88 10.62
C VAL A 1307 6.41 10.05 10.08
N VAL A 1308 6.96 11.26 10.15
CA VAL A 1308 6.20 12.42 9.70
C VAL A 1308 5.94 12.32 8.20
N ALA A 1309 6.92 11.83 7.44
CA ALA A 1309 6.71 11.60 6.02
C ALA A 1309 5.59 10.60 5.79
N SER A 1310 5.51 9.56 6.62
CA SER A 1310 4.45 8.56 6.48
C SER A 1310 3.08 9.17 6.71
N ILE A 1311 2.92 9.94 7.79
CA ILE A 1311 1.63 10.58 8.02
C ILE A 1311 1.29 11.53 6.88
N HIS A 1312 2.25 12.34 6.42
CA HIS A 1312 1.96 13.29 5.36
C HIS A 1312 1.60 12.58 4.06
N LEU A 1313 2.32 11.51 3.73
CA LEU A 1313 2.04 10.74 2.54
C LEU A 1313 0.66 10.09 2.63
N SER A 1314 0.29 9.60 3.81
CA SER A 1314 -1.06 9.08 3.98
C SER A 1314 -2.10 10.16 3.81
N LYS A 1315 -1.85 11.37 4.34
CA LYS A 1315 -2.76 12.48 4.12
C LYS A 1315 -3.01 12.68 2.64
N ARG A 1316 -1.92 12.80 1.86
CA ARG A 1316 -2.10 13.09 0.44
C ARG A 1316 -2.72 11.92 -0.30
N THR A 1317 -2.37 10.68 0.07
CA THR A 1317 -2.92 9.52 -0.62
C THR A 1317 -4.42 9.39 -0.37
N VAL A 1318 -4.86 9.62 0.87
CA VAL A 1318 -6.28 9.55 1.16
C VAL A 1318 -7.00 10.72 0.50
N ARG A 1319 -6.37 11.88 0.45
CA ARG A 1319 -6.95 12.99 -0.28
C ARG A 1319 -7.10 12.65 -1.75
N ARG A 1320 -6.14 11.94 -2.31
CA ARG A 1320 -6.22 11.52 -3.71
C ARG A 1320 -7.32 10.48 -3.90
N ILE A 1321 -7.50 9.58 -2.93
CA ILE A 1321 -8.60 8.62 -3.02
C ILE A 1321 -9.93 9.36 -3.03
N ARG A 1322 -10.08 10.34 -2.14
CA ARG A 1322 -11.31 11.12 -2.11
C ARG A 1322 -11.50 11.89 -3.42
N ILE A 1323 -10.42 12.44 -3.96
CA ILE A 1323 -10.50 13.17 -5.23
C ILE A 1323 -10.93 12.23 -6.34
N ASN A 1324 -10.38 11.02 -6.37
CA ASN A 1324 -10.74 10.06 -7.41
C ASN A 1324 -12.21 9.67 -7.28
N LEU A 1325 -12.69 9.43 -6.07
CA LEU A 1325 -14.10 9.12 -5.90
C LEU A 1325 -14.97 10.29 -6.32
N VAL A 1326 -14.57 11.52 -5.98
CA VAL A 1326 -15.35 12.68 -6.36
C VAL A 1326 -15.41 12.79 -7.88
N LEU A 1327 -14.28 12.59 -8.56
CA LEU A 1327 -14.27 12.66 -10.01
C LEU A 1327 -15.16 11.57 -10.61
N ALA A 1328 -14.95 10.33 -10.18
CA ALA A 1328 -15.72 9.21 -10.73
C ALA A 1328 -17.20 9.33 -10.44
N LEU A 1329 -17.59 10.05 -9.39
CA LEU A 1329 -19.00 10.31 -9.14
C LEU A 1329 -19.53 11.46 -9.98
N ILE A 1330 -18.96 12.66 -9.82
CA ILE A 1330 -19.50 13.82 -10.54
C ILE A 1330 -19.53 13.52 -12.03
N TYR A 1331 -18.56 12.75 -12.53
CA TYR A 1331 -18.62 12.35 -13.93
C TYR A 1331 -19.91 11.62 -14.24
N ASN A 1332 -20.29 10.67 -13.38
CA ASN A 1332 -21.49 9.89 -13.65
C ASN A 1332 -22.76 10.73 -13.45
N LEU A 1333 -22.84 11.50 -12.37
CA LEU A 1333 -24.03 12.31 -12.13
C LEU A 1333 -24.17 13.48 -13.10
N VAL A 1334 -23.14 13.80 -13.88
CA VAL A 1334 -23.31 14.80 -14.92
C VAL A 1334 -23.53 14.12 -16.27
N GLY A 1335 -22.87 12.98 -16.48
CA GLY A 1335 -23.05 12.26 -17.72
C GLY A 1335 -24.45 11.71 -17.89
N ILE A 1336 -24.98 11.09 -16.84
CA ILE A 1336 -26.34 10.53 -16.93
C ILE A 1336 -27.36 11.60 -17.28
N PRO A 1337 -27.43 12.74 -16.58
CA PRO A 1337 -28.33 13.81 -17.06
C PRO A 1337 -27.95 14.32 -18.44
N ILE A 1338 -26.69 14.68 -18.64
CA ILE A 1338 -26.28 15.24 -19.93
C ILE A 1338 -26.52 14.22 -21.05
N ALA A 1339 -26.11 12.97 -20.83
CA ALA A 1339 -26.42 11.93 -21.78
C ALA A 1339 -27.91 11.67 -21.89
N ALA A 1340 -28.66 11.95 -20.82
CA ALA A 1340 -30.11 11.83 -20.87
C ALA A 1340 -30.76 12.97 -21.65
N GLY A 1341 -29.98 13.89 -22.21
CA GLY A 1341 -30.54 15.01 -22.94
C GLY A 1341 -31.22 16.04 -22.07
N VAL A 1342 -30.96 16.03 -20.76
CA VAL A 1342 -31.65 16.96 -19.87
C VAL A 1342 -31.36 18.40 -20.27
N PHE A 1343 -30.12 18.69 -20.66
CA PHE A 1343 -29.74 20.03 -21.09
C PHE A 1343 -29.80 20.19 -22.61
N MET A 1344 -30.33 19.21 -23.33
CA MET A 1344 -30.57 19.39 -24.75
C MET A 1344 -31.40 20.63 -25.07
N PRO A 1345 -32.47 20.94 -24.32
CA PRO A 1345 -33.24 22.16 -24.64
C PRO A 1345 -32.38 23.40 -24.73
N ILE A 1346 -31.36 23.50 -23.87
CA ILE A 1346 -30.42 24.61 -23.98
C ILE A 1346 -29.70 24.53 -25.33
N GLY A 1347 -29.42 23.32 -25.81
CA GLY A 1347 -28.75 23.14 -27.08
C GLY A 1347 -27.51 22.28 -26.95
N ILE A 1348 -27.41 21.51 -25.87
CA ILE A 1348 -26.27 20.64 -25.62
C ILE A 1348 -26.81 19.21 -25.55
N VAL A 1349 -26.61 18.46 -26.63
CA VAL A 1349 -26.96 17.04 -26.68
C VAL A 1349 -25.80 16.29 -27.29
N LEU A 1350 -25.40 15.20 -26.67
CA LEU A 1350 -24.27 14.39 -27.13
C LEU A 1350 -24.80 13.16 -27.85
N GLN A 1351 -24.33 12.95 -29.08
CA GLN A 1351 -24.66 11.74 -29.81
C GLN A 1351 -23.86 10.57 -29.25
N PRO A 1352 -24.31 9.33 -29.50
CA PRO A 1352 -23.87 8.20 -28.68
C PRO A 1352 -22.37 8.05 -28.50
N TRP A 1353 -21.61 7.94 -29.59
CA TRP A 1353 -20.19 7.62 -29.47
C TRP A 1353 -19.45 8.64 -28.60
N MET A 1354 -19.97 9.87 -28.51
CA MET A 1354 -19.41 10.81 -27.56
C MET A 1354 -19.49 10.27 -26.15
N GLY A 1355 -20.51 9.46 -25.84
CA GLY A 1355 -20.59 8.83 -24.54
C GLY A 1355 -19.45 7.87 -24.29
N SER A 1356 -19.11 7.04 -25.27
CA SER A 1356 -17.99 6.13 -25.13
C SER A 1356 -16.68 6.91 -25.01
N ALA A 1357 -16.54 7.99 -25.78
CA ALA A 1357 -15.35 8.81 -25.66
C ALA A 1357 -15.21 9.38 -24.27
N ALA A 1358 -16.30 9.89 -23.69
CA ALA A 1358 -16.26 10.41 -22.33
C ALA A 1358 -15.96 9.31 -21.32
N MET A 1359 -16.53 8.11 -21.53
CA MET A 1359 -16.23 6.99 -20.64
C MET A 1359 -14.74 6.70 -20.64
N ALA A 1360 -14.13 6.58 -21.83
CA ALA A 1360 -12.69 6.33 -21.89
C ALA A 1360 -11.91 7.47 -21.25
N ALA A 1361 -12.32 8.72 -21.52
CA ALA A 1361 -11.60 9.85 -20.97
C ALA A 1361 -11.60 9.82 -19.45
N SER A 1362 -12.76 9.54 -18.85
CA SER A 1362 -12.83 9.50 -17.39
C SER A 1362 -12.04 8.32 -16.84
N SER A 1363 -12.21 7.14 -17.45
CA SER A 1363 -11.56 5.94 -16.93
C SER A 1363 -10.04 6.02 -17.06
N VAL A 1364 -9.53 6.85 -17.95
CA VAL A 1364 -8.08 7.07 -18.00
C VAL A 1364 -7.67 8.25 -17.14
N SER A 1365 -8.52 9.28 -17.02
CA SER A 1365 -8.16 10.44 -16.24
C SER A 1365 -8.05 10.09 -14.76
N VAL A 1366 -8.91 9.20 -14.28
CA VAL A 1366 -8.81 8.77 -12.88
C VAL A 1366 -7.46 8.11 -12.64
N VAL A 1367 -7.04 7.24 -13.57
CA VAL A 1367 -5.76 6.55 -13.40
C VAL A 1367 -4.60 7.53 -13.50
N LEU A 1368 -4.70 8.52 -14.39
CA LEU A 1368 -3.65 9.54 -14.45
C LEU A 1368 -3.58 10.34 -13.17
N SER A 1369 -4.73 10.67 -12.59
CA SER A 1369 -4.73 11.36 -11.30
C SER A 1369 -4.03 10.53 -10.24
N SER A 1370 -4.31 9.22 -10.22
CA SER A 1370 -3.62 8.35 -9.26
C SER A 1370 -2.11 8.30 -9.55
N LEU A 1371 -1.74 8.19 -10.83
CA LEU A 1371 -0.33 8.12 -11.19
C LEU A 1371 0.41 9.41 -10.82
N GLN A 1372 -0.30 10.53 -10.76
CA GLN A 1372 0.36 11.78 -10.38
C GLN A 1372 1.03 11.66 -9.03
N LEU A 1373 0.55 10.76 -8.17
CA LEU A 1373 1.17 10.56 -6.87
C LEU A 1373 2.63 10.15 -6.99
N LYS A 1374 3.00 9.49 -8.09
CA LYS A 1374 4.39 9.10 -8.27
C LYS A 1374 5.32 10.30 -8.23
N CYS A 1375 4.81 11.49 -8.56
CA CYS A 1375 5.60 12.72 -8.52
C CYS A 1375 5.63 13.23 -7.08
N TYR A 1376 6.29 12.45 -6.22
CA TYR A 1376 6.49 12.79 -4.83
C TYR A 1376 7.98 12.80 -4.53
N LYS A 1377 8.44 13.89 -3.91
CA LYS A 1377 9.83 14.06 -3.53
C LYS A 1377 9.95 13.95 -2.02
N LYS A 1378 10.73 12.98 -1.55
CA LYS A 1378 10.92 12.77 -0.13
C LYS A 1378 11.58 14.00 0.47
N PRO A 1379 10.87 14.81 1.27
CA PRO A 1379 11.50 16.00 1.84
C PRO A 1379 12.71 15.64 2.68
N ASP A 1380 13.75 16.46 2.58
CA ASP A 1380 15.02 16.21 3.24
C ASP A 1380 15.13 17.02 4.52
N LEU A 1381 16.29 16.92 5.18
CA LEU A 1381 16.46 17.53 6.50
C LEU A 1381 16.16 19.02 6.45
N GLU A 1382 16.95 19.77 5.67
CA GLU A 1382 16.79 21.22 5.65
C GLU A 1382 15.36 21.62 5.31
N ARG A 1383 14.66 20.80 4.52
CA ARG A 1383 13.32 21.16 4.07
C ARG A 1383 12.37 21.35 5.25
N TYR A 1384 12.42 20.45 6.24
CA TYR A 1384 11.47 20.53 7.33
C TYR A 1384 11.67 21.79 8.16
N GLU A 1385 12.90 22.06 8.59
CA GLU A 1385 13.11 23.27 9.36
C GLU A 1385 12.94 24.52 8.50
N ALA A 1386 13.00 24.40 7.17
CA ALA A 1386 12.73 25.55 6.32
C ALA A 1386 11.36 26.14 6.64
N GLN A 1387 10.34 25.29 6.72
CA GLN A 1387 9.01 25.76 7.09
C GLN A 1387 8.84 25.85 8.61
N ALA A 1388 9.60 25.08 9.38
CA ALA A 1388 9.52 25.16 10.83
C ALA A 1388 10.52 26.15 11.43
N HIS A 1389 11.41 26.72 10.63
CA HIS A 1389 12.43 27.61 11.17
C HIS A 1389 11.79 28.85 11.78
N GLY A 1390 12.39 29.32 12.88
CA GLY A 1390 11.99 30.54 13.52
C GLY A 1390 11.06 30.37 14.70
N HIS A 1391 10.36 29.24 14.79
CA HIS A 1391 9.45 28.95 15.89
C HIS A 1391 9.73 27.56 16.46
N MET A 1392 10.75 27.48 17.32
CA MET A 1392 11.04 26.32 18.14
C MET A 1392 10.60 26.69 19.55
N LYS A 1393 9.32 26.45 19.85
CA LYS A 1393 8.75 26.97 21.07
C LYS A 1393 9.46 26.38 22.29
N PRO A 1394 10.02 27.20 23.17
CA PRO A 1394 10.78 26.66 24.31
C PRO A 1394 9.86 26.14 25.41
N LEU A 1395 10.46 25.37 26.31
CA LEU A 1395 9.74 24.83 27.45
C LEU A 1395 10.72 24.26 28.47
N THR A 1396 10.52 24.60 29.74
CA THR A 1396 11.31 24.07 30.83
C THR A 1396 10.63 22.84 31.43
N ALA A 1397 11.38 22.14 32.28
CA ALA A 1397 10.83 20.95 32.93
C ALA A 1397 9.59 21.28 33.73
N SER A 1398 9.47 22.51 34.23
CA SER A 1398 8.32 22.88 35.04
C SER A 1398 7.04 22.76 34.23
N GLN A 1399 7.04 23.23 32.98
CA GLN A 1399 5.86 23.17 32.12
C GLN A 1399 5.85 21.89 31.29
N VAL A 1400 5.98 20.75 31.96
CA VAL A 1400 5.92 19.44 31.33
C VAL A 1400 5.10 18.51 32.22
N SER A 1401 4.22 17.73 31.60
CA SER A 1401 3.34 16.82 32.32
C SER A 1401 3.93 15.41 32.32
N VAL A 1402 3.43 14.59 33.24
CA VAL A 1402 3.83 13.19 33.36
C VAL A 1402 2.58 12.37 33.68
N HIS A 1403 2.78 11.06 33.87
CA HIS A 1403 1.65 10.19 34.15
C HIS A 1403 1.05 10.50 35.53
N ILE A 1404 -0.22 10.17 35.67
CA ILE A 1404 -0.98 10.43 36.89
C ILE A 1404 -1.19 9.11 37.61
N GLY A 1405 -0.74 9.04 38.86
CA GLY A 1405 -0.88 7.84 39.65
C GLY A 1405 0.03 6.72 39.19
PG ANP B . 11.72 0.00 26.18
O1G ANP B . 11.27 -0.99 27.24
O2G ANP B . 12.06 -0.75 24.92
O3G ANP B . 10.59 0.99 25.91
PB ANP B . 12.90 2.15 27.81
O1B ANP B . 11.49 2.68 27.72
O2B ANP B . 13.87 3.25 27.43
N3B ANP B . 13.09 0.83 26.74
PA ANP B . 13.29 0.02 29.75
O1A ANP B . 14.09 -0.71 28.71
O2A ANP B . 11.90 -0.56 29.82
O3A ANP B . 13.21 1.63 29.34
O5' ANP B . 14.02 -0.14 31.23
C5' ANP B . 13.41 -0.97 32.17
C4' ANP B . 14.01 -0.69 33.53
O4' ANP B . 14.33 -1.81 34.08
C3' ANP B . 15.40 0.20 33.40
O3' ANP B . 15.10 1.65 33.46
C2' ANP B . 16.08 -0.12 34.37
O2' ANP B . 15.64 0.65 35.59
C1' ANP B . 15.76 -1.66 34.55
N9 ANP B . 16.57 -2.40 33.80
C8 ANP B . 16.33 -2.77 32.55
N7 ANP B . 17.35 -3.50 32.10
C5 ANP B . 18.26 -3.59 33.09
C6 ANP B . 19.50 -4.21 33.20
N6 ANP B . 20.06 -4.96 32.07
N1 ANP B . 20.16 -4.11 34.36
C2 ANP B . 19.66 -3.43 35.36
N3 ANP B . 18.49 -2.83 35.29
C4 ANP B . 17.76 -2.89 34.17
HNB1 ANP B . 13.87 0.58 26.49
H5'1 ANP B . 13.56 -1.90 31.94
H5'2 ANP B . 12.46 -0.79 32.20
H4' ANP B . 13.37 -0.23 34.09
H3' ANP B . 15.88 -0.01 32.58
HO3' ANP B . 14.25 1.76 33.53
H2' ANP B . 17.03 0.02 34.20
HO2' ANP B . 16.28 1.13 35.88
H1' ANP B . 15.84 -1.91 35.49
H8 ANP B . 15.57 -2.56 32.06
HN61 ANP B . 20.26 -5.80 32.17
HN62 ANP B . 20.20 -4.57 31.33
H2 ANP B . 20.15 -3.38 36.15
#